data_3TP9
#
_entry.id   3TP9
#
_cell.length_a   169.335
_cell.length_b   169.335
_cell.length_c   77.797
_cell.angle_alpha   90.00
_cell.angle_beta   90.00
_cell.angle_gamma   90.00
#
_symmetry.space_group_name_H-M   'P 43 21 2'
#
loop_
_entity.id
_entity.type
_entity.pdbx_description
1 polymer 'BETA-LACTAMASE and RHODANESE DOMAIN PROTEIN'
2 non-polymer 'ZINC ION'
#
_entity_poly.entity_id   1
_entity_poly.type   'polypeptide(L)'
_entity_poly.pdbx_seq_one_letter_code
;SNA(MSE)YLRRFYDEGLAHASYLVGCQETGEACVIDPARDVEPYLLTAKREGLRIVAALETHIHADFVSGARE(MSE)A
DRAGAAICVSDEGPPEWKSEYVKAYPHRLLKDGDELHFGNVRIVV(MSE)HTPGHTPEHVSYLLYDGKTSPDVP(MSE)A
LFSGDFVFVGDVGRPDLLERVAGESGSSEALARQ(MSE)FRSLRKFEALPDHVQVLPAHGAGSACGKALGAVPSSTVGYE
KLVNWALQHKDEDAFVQALLAGQPEAPIYFAR(MSE)KLVNKVGPRLLAELGAPERVDLPPERVRAWREGGVVLDVRPAD
AFAKRHLAGSLNIPWNKSFVTWAGWLLPADRPIHLLAADAIAPDVIRALRSIGIDDVVDWTDPAAVDRAAPDDVASYANV
SPDEVRGALAQQGLWLLDVRNVDEWAGGHLPQAHHIPLSKLAAHIHDVPRDGSVCVYCRTGGRSAIAASLLRAHGVGDVR
N(MSE)VGGYEAWRGKGFPVEA
;
_entity_poly.pdbx_strand_id   A,B
#
loop_
_chem_comp.id
_chem_comp.type
_chem_comp.name
_chem_comp.formula
ZN non-polymer 'ZINC ION' 'Zn 2'
#
# COMPACT_ATOMS: atom_id res chain seq x y z
N ASN A 2 -13.37 -3.69 -16.33
CA ASN A 2 -12.37 -4.52 -17.07
C ASN A 2 -11.91 -5.80 -16.34
N ALA A 3 -12.45 -6.06 -15.15
CA ALA A 3 -12.19 -7.31 -14.43
C ALA A 3 -10.69 -7.71 -14.47
N MSE A 4 -9.82 -6.71 -14.37
CA MSE A 4 -8.38 -6.93 -14.36
C MSE A 4 -7.83 -6.37 -13.06
O MSE A 4 -8.19 -5.29 -12.65
CB MSE A 4 -7.70 -6.21 -15.52
CG MSE A 4 -6.18 -6.29 -15.48
SE MSE A 4 -5.34 -6.41 -17.25
CE MSE A 4 -6.41 -7.89 -17.99
N TYR A 5 -6.94 -7.13 -12.43
CA TYR A 5 -6.41 -6.80 -11.12
C TYR A 5 -4.93 -6.50 -11.21
N LEU A 6 -4.52 -5.41 -10.58
CA LEU A 6 -3.11 -5.05 -10.53
C LEU A 6 -2.83 -4.41 -9.19
N ARG A 7 -1.83 -4.91 -8.48
CA ARG A 7 -1.45 -4.32 -7.21
C ARG A 7 0.06 -4.26 -7.05
N ARG A 8 0.53 -3.12 -6.53
CA ARG A 8 1.94 -2.85 -6.31
C ARG A 8 2.32 -3.07 -4.86
N PHE A 9 3.28 -3.96 -4.63
CA PHE A 9 3.87 -4.17 -3.32
C PHE A 9 5.21 -3.46 -3.34
N TYR A 10 5.63 -2.92 -2.20
CA TYR A 10 6.84 -2.12 -2.12
C TYR A 10 7.60 -2.38 -0.82
N ASP A 11 8.91 -2.59 -0.93
CA ASP A 11 9.78 -2.74 0.22
C ASP A 11 10.51 -1.42 0.40
N GLU A 12 10.08 -0.62 1.39
CA GLU A 12 10.66 0.69 1.59
C GLU A 12 12.17 0.57 1.80
N GLY A 13 12.60 -0.51 2.44
CA GLY A 13 14.00 -0.73 2.75
C GLY A 13 14.88 -0.86 1.53
N LEU A 14 14.49 -1.75 0.63
CA LEU A 14 15.22 -2.01 -0.63
C LEU A 14 14.77 -1.12 -1.79
N ALA A 15 13.69 -0.35 -1.56
CA ALA A 15 13.07 0.48 -2.59
C ALA A 15 12.64 -0.38 -3.78
N HIS A 16 12.11 -1.57 -3.51
CA HIS A 16 11.79 -2.54 -4.56
C HIS A 16 10.29 -2.75 -4.74
N ALA A 17 9.82 -2.55 -5.97
CA ALA A 17 8.42 -2.68 -6.35
C ALA A 17 8.22 -4.02 -7.02
N SER A 18 7.20 -4.74 -6.55
CA SER A 18 6.73 -5.95 -7.19
C SER A 18 5.25 -5.79 -7.40
N TYR A 19 4.71 -6.58 -8.33
CA TYR A 19 3.33 -6.46 -8.74
C TYR A 19 2.58 -7.78 -8.78
N LEU A 20 1.30 -7.72 -8.41
CA LEU A 20 0.36 -8.83 -8.57
C LEU A 20 -0.61 -8.46 -9.67
N VAL A 21 -0.63 -9.24 -10.75
CA VAL A 21 -1.48 -8.99 -11.92
C VAL A 21 -2.42 -10.16 -12.12
N GLY A 22 -3.71 -9.92 -12.30
CA GLY A 22 -4.66 -11.00 -12.46
C GLY A 22 -5.89 -10.73 -13.28
N CYS A 23 -6.53 -11.82 -13.71
CA CYS A 23 -7.82 -11.78 -14.39
C CYS A 23 -8.90 -12.14 -13.38
N GLN A 24 -9.80 -11.22 -13.10
CA GLN A 24 -10.83 -11.48 -12.10
C GLN A 24 -11.97 -12.38 -12.61
N GLU A 25 -12.04 -12.59 -13.92
CA GLU A 25 -13.00 -13.52 -14.47
C GLU A 25 -12.55 -14.94 -14.10
N THR A 26 -11.34 -15.29 -14.48
CA THR A 26 -10.88 -16.67 -14.33
C THR A 26 -10.08 -16.90 -13.06
N GLY A 27 -9.57 -15.84 -12.45
CA GLY A 27 -8.80 -15.98 -11.22
C GLY A 27 -7.29 -16.08 -11.43
N GLU A 28 -6.87 -16.42 -12.65
CA GLU A 28 -5.45 -16.66 -12.92
C GLU A 28 -4.66 -15.39 -12.70
N ALA A 29 -3.59 -15.46 -11.92
CA ALA A 29 -2.73 -14.29 -11.66
C ALA A 29 -1.27 -14.67 -11.71
N CYS A 30 -0.41 -13.66 -11.81
CA CYS A 30 1.03 -13.85 -11.73
C CYS A 30 1.63 -12.74 -10.87
N VAL A 31 2.89 -12.92 -10.49
CA VAL A 31 3.61 -11.90 -9.72
C VAL A 31 4.88 -11.54 -10.47
N ILE A 32 5.16 -10.24 -10.53
CA ILE A 32 6.34 -9.76 -11.24
C ILE A 32 7.38 -9.27 -10.21
N ASP A 33 8.59 -9.83 -10.34
CA ASP A 33 9.68 -9.57 -9.42
C ASP A 33 9.29 -9.72 -7.96
N PRO A 34 8.82 -10.92 -7.61
CA PRO A 34 8.42 -11.13 -6.21
C PRO A 34 9.59 -11.08 -5.25
N ALA A 35 9.35 -10.56 -4.03
CA ALA A 35 10.28 -10.68 -2.91
C ALA A 35 10.41 -12.16 -2.51
N ARG A 36 11.38 -12.49 -1.69
CA ARG A 36 11.54 -13.86 -1.22
C ARG A 36 10.39 -14.27 -0.32
N ASP A 37 9.98 -13.35 0.56
CA ASP A 37 8.80 -13.59 1.38
C ASP A 37 7.57 -13.43 0.51
N VAL A 38 6.99 -14.55 0.10
CA VAL A 38 5.87 -14.55 -0.82
C VAL A 38 4.53 -14.50 -0.12
N GLU A 39 4.52 -14.51 1.21
CA GLU A 39 3.25 -14.58 1.94
C GLU A 39 2.26 -13.45 1.65
N PRO A 40 2.72 -12.19 1.52
CA PRO A 40 1.82 -11.07 1.15
C PRO A 40 1.07 -11.24 -0.18
N TYR A 41 1.73 -11.85 -1.17
CA TYR A 41 1.11 -12.13 -2.46
C TYR A 41 0.02 -13.22 -2.36
N LEU A 42 0.30 -14.27 -1.57
CA LEU A 42 -0.59 -15.42 -1.48
C LEU A 42 -1.81 -15.04 -0.70
N LEU A 43 -1.56 -14.24 0.32
CA LEU A 43 -2.59 -13.72 1.19
C LEU A 43 -3.53 -12.81 0.38
N THR A 44 -2.95 -11.89 -0.39
CA THR A 44 -3.75 -10.94 -1.19
C THR A 44 -4.52 -11.68 -2.26
N ALA A 45 -3.86 -12.64 -2.91
CA ALA A 45 -4.51 -13.48 -3.92
C ALA A 45 -5.74 -14.22 -3.37
N LYS A 46 -5.62 -14.72 -2.15
CA LYS A 46 -6.68 -15.49 -1.54
C LYS A 46 -7.86 -14.56 -1.26
N ARG A 47 -7.58 -13.39 -0.67
CA ARG A 47 -8.65 -12.43 -0.37
C ARG A 47 -9.35 -11.94 -1.63
N GLU A 48 -8.63 -11.90 -2.74
CA GLU A 48 -9.15 -11.34 -3.99
C GLU A 48 -9.71 -12.39 -4.95
N GLY A 49 -9.65 -13.66 -4.54
CA GLY A 49 -10.16 -14.76 -5.36
C GLY A 49 -9.27 -15.04 -6.55
N LEU A 50 -7.97 -14.83 -6.36
CA LEU A 50 -7.00 -15.13 -7.41
C LEU A 50 -6.15 -16.33 -7.02
N ARG A 51 -5.60 -16.99 -8.02
CA ARG A 51 -4.63 -18.03 -7.80
C ARG A 51 -3.42 -17.67 -8.65
N ILE A 52 -2.26 -17.62 -8.00
CA ILE A 52 -1.01 -17.30 -8.68
C ILE A 52 -0.48 -18.52 -9.40
N VAL A 53 -0.29 -18.36 -10.70
CA VAL A 53 0.06 -19.44 -11.62
C VAL A 53 1.48 -19.31 -12.18
N ALA A 54 2.07 -18.12 -12.06
CA ALA A 54 3.40 -17.85 -12.61
C ALA A 54 4.11 -16.77 -11.81
N ALA A 55 5.44 -16.82 -11.86
CA ALA A 55 6.30 -15.80 -11.26
C ALA A 55 7.24 -15.30 -12.32
N LEU A 56 7.20 -14.00 -12.57
CA LEU A 56 7.99 -13.38 -13.62
C LEU A 56 9.16 -12.60 -13.05
N GLU A 57 10.34 -12.87 -13.57
CA GLU A 57 11.52 -12.10 -13.25
C GLU A 57 11.83 -11.22 -14.45
N THR A 58 12.02 -9.92 -14.22
CA THR A 58 12.51 -9.03 -15.27
C THR A 58 14.01 -9.18 -15.46
N HIS A 59 14.74 -9.50 -14.40
CA HIS A 59 16.19 -9.76 -14.50
C HIS A 59 16.74 -10.52 -13.30
N ILE A 60 17.95 -11.07 -13.44
CA ILE A 60 18.65 -11.66 -12.28
C ILE A 60 19.07 -10.52 -11.35
N HIS A 61 18.35 -10.37 -10.23
CA HIS A 61 18.48 -9.22 -9.33
C HIS A 61 19.75 -9.23 -8.50
N ALA A 62 20.33 -8.05 -8.32
CA ALA A 62 21.60 -7.86 -7.60
C ALA A 62 21.42 -7.38 -6.16
N ASP A 63 20.23 -6.94 -5.79
CA ASP A 63 20.04 -6.30 -4.49
C ASP A 63 19.13 -7.07 -3.53
N PHE A 64 18.49 -8.13 -4.01
CA PHE A 64 17.73 -8.99 -3.11
C PHE A 64 17.55 -10.38 -3.69
N VAL A 65 17.06 -11.28 -2.85
CA VAL A 65 16.78 -12.65 -3.25
C VAL A 65 15.39 -12.71 -3.89
N SER A 66 15.31 -13.23 -5.12
CA SER A 66 14.03 -13.40 -5.81
C SER A 66 13.19 -14.47 -5.18
N GLY A 67 11.88 -14.25 -5.07
CA GLY A 67 10.98 -15.28 -4.57
C GLY A 67 10.33 -16.12 -5.64
N ALA A 68 10.92 -16.18 -6.82
CA ALA A 68 10.37 -17.04 -7.86
C ALA A 68 10.31 -18.48 -7.38
N ARG A 69 11.44 -19.02 -6.97
CA ARG A 69 11.47 -20.39 -6.52
C ARG A 69 10.52 -20.56 -5.37
N GLU A 70 10.56 -19.62 -4.44
CA GLU A 70 9.69 -19.69 -3.28
C GLU A 70 8.24 -19.85 -3.74
N MSE A 71 7.86 -19.04 -4.73
CA MSE A 71 6.51 -19.08 -5.29
C MSE A 71 6.25 -20.38 -6.07
O MSE A 71 5.16 -20.93 -5.99
CB MSE A 71 6.28 -17.89 -6.20
CG MSE A 71 4.85 -17.73 -6.61
SE MSE A 71 3.74 -17.08 -5.17
CE MSE A 71 4.43 -15.26 -5.16
N ALA A 72 7.27 -20.84 -6.81
CA ALA A 72 7.20 -22.13 -7.49
C ALA A 72 6.90 -23.25 -6.50
N ASP A 73 7.58 -23.26 -5.38
CA ASP A 73 7.34 -24.28 -4.38
C ASP A 73 6.00 -24.14 -3.66
N ARG A 74 5.65 -22.92 -3.27
CA ARG A 74 4.54 -22.70 -2.35
C ARG A 74 3.18 -22.55 -3.00
N ALA A 75 3.15 -22.14 -4.27
CA ALA A 75 1.90 -22.03 -5.04
C ALA A 75 1.86 -22.93 -6.27
N GLY A 76 2.93 -23.69 -6.52
CA GLY A 76 3.02 -24.49 -7.71
C GLY A 76 3.10 -23.66 -8.97
N ALA A 77 3.69 -22.46 -8.90
CA ALA A 77 3.71 -21.53 -10.03
C ALA A 77 4.83 -21.86 -11.00
N ALA A 78 4.69 -21.38 -12.24
CA ALA A 78 5.72 -21.55 -13.27
C ALA A 78 6.74 -20.42 -13.13
N ILE A 79 8.03 -20.78 -13.20
CA ILE A 79 9.09 -19.79 -13.10
C ILE A 79 9.34 -19.27 -14.50
N CYS A 80 9.11 -17.96 -14.68
CA CYS A 80 9.13 -17.37 -16.01
C CYS A 80 10.21 -16.31 -16.09
N VAL A 81 11.28 -16.66 -16.83
CA VAL A 81 12.54 -15.90 -16.81
C VAL A 81 13.19 -15.79 -18.17
N SER A 82 13.92 -14.70 -18.37
CA SER A 82 14.60 -14.43 -19.63
C SER A 82 15.57 -15.56 -20.00
N ASP A 83 15.58 -15.93 -21.28
CA ASP A 83 16.58 -16.82 -21.82
C ASP A 83 17.38 -16.11 -22.90
N GLU A 84 17.46 -14.79 -22.79
CA GLU A 84 18.11 -13.96 -23.78
C GLU A 84 19.56 -13.62 -23.41
N GLY A 85 19.96 -13.89 -22.17
CA GLY A 85 21.34 -13.66 -21.75
C GLY A 85 22.34 -14.59 -22.42
N PRO A 86 23.63 -14.32 -22.26
CA PRO A 86 24.66 -15.25 -22.70
C PRO A 86 24.67 -16.49 -21.82
N PRO A 87 25.44 -17.51 -22.19
CA PRO A 87 25.48 -18.77 -21.44
C PRO A 87 25.72 -18.62 -19.93
N GLU A 88 26.45 -17.58 -19.53
CA GLU A 88 26.79 -17.38 -18.10
C GLU A 88 25.72 -16.63 -17.28
N TRP A 89 24.62 -16.24 -17.93
CA TRP A 89 23.51 -15.61 -17.22
C TRP A 89 22.21 -16.29 -17.62
N LYS A 90 22.20 -17.60 -17.38
CA LYS A 90 21.09 -18.48 -17.70
C LYS A 90 20.63 -19.10 -16.41
N SER A 91 19.33 -19.03 -16.16
CA SER A 91 18.76 -19.59 -14.94
C SER A 91 18.37 -21.05 -15.16
N GLU A 92 19.35 -21.93 -15.31
CA GLU A 92 19.07 -23.34 -15.64
C GLU A 92 18.43 -24.15 -14.49
N TYR A 93 18.24 -23.57 -13.30
CA TYR A 93 17.61 -24.32 -12.17
C TYR A 93 16.11 -24.47 -12.36
N VAL A 94 15.52 -23.50 -13.07
CA VAL A 94 14.07 -23.43 -13.26
C VAL A 94 13.56 -24.68 -14.00
N LYS A 95 14.44 -25.34 -14.74
CA LYS A 95 14.06 -26.55 -15.50
C LYS A 95 13.49 -27.67 -14.63
N ALA A 96 13.83 -27.65 -13.34
CA ALA A 96 13.27 -28.61 -12.37
C ALA A 96 11.83 -28.27 -11.92
N TYR A 97 11.30 -27.16 -12.43
CA TYR A 97 9.94 -26.72 -12.13
C TYR A 97 9.16 -26.53 -13.42
N PRO A 98 7.83 -26.43 -13.32
CA PRO A 98 7.14 -25.81 -14.45
C PRO A 98 7.72 -24.41 -14.65
N HIS A 99 7.98 -24.04 -15.90
CA HIS A 99 8.80 -22.88 -16.19
C HIS A 99 8.69 -22.46 -17.64
N ARG A 100 8.97 -21.19 -17.91
CA ARG A 100 9.10 -20.69 -19.28
C ARG A 100 10.41 -19.91 -19.49
N LEU A 101 11.18 -20.34 -20.50
CA LEU A 101 12.43 -19.69 -20.86
C LEU A 101 12.11 -18.69 -21.98
N LEU A 102 11.97 -17.43 -21.58
CA LEU A 102 11.33 -16.44 -22.41
C LEU A 102 12.28 -15.90 -23.46
N LYS A 103 11.76 -15.63 -24.66
CA LYS A 103 12.45 -14.87 -25.71
C LYS A 103 11.64 -13.62 -26.07
N ASP A 104 12.29 -12.66 -26.72
CA ASP A 104 11.63 -11.45 -27.19
C ASP A 104 10.43 -11.79 -28.07
N GLY A 105 9.31 -11.11 -27.82
CA GLY A 105 8.08 -11.33 -28.57
C GLY A 105 7.21 -12.49 -28.08
N ASP A 106 7.66 -13.21 -27.06
CA ASP A 106 6.86 -14.28 -26.50
C ASP A 106 5.74 -13.67 -25.68
N GLU A 107 4.69 -14.45 -25.47
CA GLU A 107 3.51 -13.97 -24.80
C GLU A 107 3.11 -14.94 -23.70
N LEU A 108 2.58 -14.39 -22.61
CA LEU A 108 2.08 -15.18 -21.51
C LEU A 108 0.63 -14.76 -21.30
N HIS A 109 -0.27 -15.73 -21.26
CA HIS A 109 -1.69 -15.46 -21.17
C HIS A 109 -2.21 -16.01 -19.86
N PHE A 110 -2.78 -15.13 -19.04
CA PHE A 110 -3.43 -15.53 -17.81
C PHE A 110 -4.84 -14.99 -17.85
N GLY A 111 -5.76 -15.82 -18.31
CA GLY A 111 -7.12 -15.38 -18.57
C GLY A 111 -7.06 -14.26 -19.58
N ASN A 112 -7.83 -13.20 -19.33
CA ASN A 112 -7.81 -12.03 -20.19
C ASN A 112 -6.52 -11.23 -20.06
N VAL A 113 -5.64 -11.58 -19.13
CA VAL A 113 -4.35 -10.92 -19.04
C VAL A 113 -3.42 -11.44 -20.12
N ARG A 114 -2.98 -10.53 -20.98
CA ARG A 114 -2.04 -10.80 -22.05
C ARG A 114 -0.77 -9.98 -21.82
N ILE A 115 0.36 -10.68 -21.69
CA ILE A 115 1.62 -10.02 -21.47
C ILE A 115 2.56 -10.42 -22.59
N VAL A 116 3.29 -9.45 -23.11
CA VAL A 116 4.22 -9.68 -24.21
C VAL A 116 5.64 -9.37 -23.75
N VAL A 117 6.56 -10.30 -24.01
CA VAL A 117 7.95 -10.14 -23.61
C VAL A 117 8.77 -9.21 -24.53
N MSE A 118 9.37 -8.18 -23.92
CA MSE A 118 10.30 -7.29 -24.63
C MSE A 118 11.73 -7.38 -24.08
O MSE A 118 11.97 -7.01 -22.94
CB MSE A 118 9.85 -5.84 -24.50
CG MSE A 118 8.70 -5.44 -25.38
SE MSE A 118 8.19 -3.59 -24.95
CE MSE A 118 9.83 -2.64 -25.47
N HIS A 119 12.66 -7.87 -24.91
CA HIS A 119 14.06 -7.90 -24.52
C HIS A 119 14.58 -6.48 -24.49
N THR A 120 15.11 -6.08 -23.35
CA THR A 120 15.51 -4.70 -23.12
C THR A 120 16.79 -4.67 -22.32
N PRO A 121 17.90 -5.11 -22.94
CA PRO A 121 19.17 -5.14 -22.24
C PRO A 121 19.69 -3.74 -21.97
N GLY A 122 20.58 -3.65 -20.97
CA GLY A 122 21.07 -2.36 -20.43
C GLY A 122 21.53 -2.50 -18.97
N HIS A 123 20.59 -2.78 -18.08
CA HIS A 123 20.89 -3.02 -16.68
C HIS A 123 21.60 -4.36 -16.59
N THR A 124 21.13 -5.34 -17.36
CA THR A 124 21.79 -6.64 -17.46
C THR A 124 21.62 -7.09 -18.91
N PRO A 125 22.38 -8.12 -19.34
CA PRO A 125 22.23 -8.57 -20.73
C PRO A 125 20.90 -9.27 -21.02
N GLU A 126 20.36 -9.97 -20.03
CA GLU A 126 19.17 -10.76 -20.23
C GLU A 126 17.89 -9.98 -19.93
N HIS A 127 18.02 -8.78 -19.39
CA HIS A 127 16.84 -8.05 -18.90
C HIS A 127 15.67 -8.02 -19.87
N VAL A 128 14.48 -8.27 -19.36
CA VAL A 128 13.25 -8.18 -20.16
C VAL A 128 12.22 -7.31 -19.44
N SER A 129 11.45 -6.57 -20.20
CA SER A 129 10.28 -5.89 -19.66
C SER A 129 9.03 -6.61 -20.13
N TYR A 130 7.94 -6.41 -19.39
CA TYR A 130 6.68 -7.06 -19.68
C TYR A 130 5.62 -6.02 -20.06
N LEU A 131 5.09 -6.15 -21.29
CA LEU A 131 4.04 -5.26 -21.79
C LEU A 131 2.67 -5.91 -21.64
N LEU A 132 1.74 -5.21 -20.99
CA LEU A 132 0.45 -5.79 -20.60
C LEU A 132 -0.69 -5.23 -21.42
N TYR A 133 -1.53 -6.12 -21.93
CA TYR A 133 -2.74 -5.72 -22.63
C TYR A 133 -3.92 -6.35 -21.88
N ASP A 134 -5.08 -5.71 -21.97
CA ASP A 134 -6.30 -6.28 -21.41
C ASP A 134 -7.06 -6.90 -22.57
N GLY A 135 -7.10 -8.23 -22.58
CA GLY A 135 -7.70 -8.97 -23.68
C GLY A 135 -9.21 -9.01 -23.66
N LYS A 136 -9.82 -8.54 -22.58
CA LYS A 136 -11.29 -8.46 -22.48
C LYS A 136 -11.75 -7.22 -23.24
N THR A 137 -11.11 -6.10 -22.95
CA THR A 137 -11.56 -4.80 -23.45
C THR A 137 -10.86 -4.45 -24.76
N SER A 138 -9.53 -4.49 -24.74
CA SER A 138 -8.74 -3.94 -25.82
C SER A 138 -7.46 -4.75 -26.07
N PRO A 139 -7.57 -5.86 -26.80
CA PRO A 139 -6.45 -6.78 -26.96
C PRO A 139 -5.24 -6.21 -27.67
N ASP A 140 -5.43 -5.20 -28.52
CA ASP A 140 -4.34 -4.61 -29.31
C ASP A 140 -3.84 -3.27 -28.78
N VAL A 141 -4.47 -2.77 -27.73
CA VAL A 141 -4.05 -1.54 -27.06
C VAL A 141 -3.25 -1.91 -25.83
N PRO A 142 -1.97 -1.53 -25.78
CA PRO A 142 -1.18 -1.75 -24.59
C PRO A 142 -1.51 -0.76 -23.47
N MSE A 143 -1.43 -1.27 -22.24
CA MSE A 143 -1.83 -0.53 -21.05
C MSE A 143 -0.65 -0.12 -20.16
O MSE A 143 -0.55 1.04 -19.75
CB MSE A 143 -2.77 -1.42 -20.24
CG MSE A 143 -3.26 -0.77 -18.99
SE MSE A 143 -4.56 -1.94 -18.19
CE MSE A 143 -4.16 -1.57 -16.31
N ALA A 144 0.20 -1.09 -19.84
CA ALA A 144 1.30 -0.89 -18.89
C ALA A 144 2.55 -1.64 -19.30
N LEU A 145 3.70 -1.06 -18.95
CA LEU A 145 5.00 -1.69 -19.12
C LEU A 145 5.58 -1.91 -17.76
N PHE A 146 5.77 -3.17 -17.41
CA PHE A 146 6.57 -3.52 -16.26
C PHE A 146 7.99 -3.46 -16.74
N SER A 147 8.63 -2.35 -16.43
CA SER A 147 9.93 -2.00 -16.96
C SER A 147 11.13 -2.62 -16.20
N GLY A 148 10.89 -3.27 -15.08
CA GLY A 148 11.99 -3.82 -14.30
C GLY A 148 12.94 -2.71 -13.93
N ASP A 149 14.24 -2.96 -14.05
CA ASP A 149 15.25 -1.94 -13.79
C ASP A 149 15.77 -1.37 -15.12
N PHE A 150 14.90 -1.32 -16.14
CA PHE A 150 15.29 -0.77 -17.46
C PHE A 150 15.04 0.74 -17.47
N VAL A 151 13.79 1.14 -17.24
CA VAL A 151 13.46 2.55 -17.12
C VAL A 151 12.73 2.79 -15.82
N PHE A 152 13.32 3.65 -14.99
CA PHE A 152 12.71 4.09 -13.75
C PHE A 152 11.94 5.38 -13.98
N VAL A 153 11.35 5.91 -12.93
CA VAL A 153 10.75 7.22 -12.99
C VAL A 153 11.88 8.24 -12.87
N GLY A 154 12.19 8.91 -13.97
CA GLY A 154 13.25 9.92 -14.03
C GLY A 154 14.68 9.40 -14.12
N ASP A 155 14.85 8.13 -14.50
CA ASP A 155 16.17 7.51 -14.61
C ASP A 155 16.07 6.17 -15.36
N VAL A 156 17.21 5.54 -15.58
CA VAL A 156 17.28 4.22 -16.15
C VAL A 156 18.31 3.44 -15.35
N GLY A 157 18.27 2.12 -15.45
CA GLY A 157 19.18 1.26 -14.68
C GLY A 157 20.64 1.51 -14.95
N ARG A 158 21.45 1.37 -13.92
CA ARG A 158 22.91 1.37 -14.08
C ARG A 158 23.32 0.12 -14.86
N PRO A 159 24.34 0.23 -15.73
CA PRO A 159 24.79 -0.87 -16.53
C PRO A 159 26.10 -1.49 -16.07
N ASP A 160 26.53 -1.23 -14.84
CA ASP A 160 27.91 -1.53 -14.45
C ASP A 160 28.09 -2.57 -13.32
N LEU A 161 27.00 -3.19 -12.92
CA LEU A 161 27.09 -4.15 -11.82
C LEU A 161 27.89 -5.36 -12.24
N LEU A 162 27.70 -5.84 -13.46
CA LEU A 162 28.46 -7.00 -13.92
C LEU A 162 29.97 -6.75 -13.89
N GLU A 163 30.39 -5.56 -14.31
CA GLU A 163 31.81 -5.22 -14.28
C GLU A 163 32.33 -5.08 -12.84
N ARG A 164 31.50 -4.49 -11.97
CA ARG A 164 31.93 -4.18 -10.60
C ARG A 164 31.86 -5.37 -9.68
N VAL A 165 30.73 -6.07 -9.68
CA VAL A 165 30.56 -7.19 -8.77
C VAL A 165 31.00 -8.52 -9.38
N ALA A 166 30.78 -8.73 -10.69
CA ALA A 166 31.08 -10.05 -11.31
C ALA A 166 32.42 -10.16 -12.10
N GLY A 167 33.21 -9.09 -12.17
CA GLY A 167 34.53 -9.13 -12.80
C GLY A 167 34.55 -9.13 -14.33
N GLU A 168 33.45 -8.66 -14.93
CA GLU A 168 33.28 -8.66 -16.39
C GLU A 168 33.82 -7.40 -17.04
N SER A 169 35.12 -7.44 -17.33
CA SER A 169 35.83 -6.34 -17.97
C SER A 169 35.10 -5.80 -19.20
N GLY A 170 35.00 -4.47 -19.28
CA GLY A 170 34.46 -3.80 -20.44
C GLY A 170 32.96 -3.91 -20.61
N SER A 171 32.28 -4.56 -19.67
CA SER A 171 30.87 -4.80 -19.85
C SER A 171 30.01 -3.58 -19.53
N SER A 172 30.50 -2.65 -18.71
CA SER A 172 29.72 -1.44 -18.41
C SER A 172 29.45 -0.66 -19.69
N GLU A 173 30.51 -0.43 -20.46
CA GLU A 173 30.41 0.27 -21.72
C GLU A 173 29.51 -0.49 -22.71
N ALA A 174 29.68 -1.81 -22.75
CA ALA A 174 28.92 -2.67 -23.64
C ALA A 174 27.45 -2.52 -23.38
N LEU A 175 27.08 -2.73 -22.12
CA LEU A 175 25.67 -2.68 -21.70
C LEU A 175 25.12 -1.27 -21.78
N ALA A 176 25.95 -0.29 -21.46
CA ALA A 176 25.56 1.10 -21.58
C ALA A 176 25.01 1.33 -22.97
N ARG A 177 25.70 0.77 -23.96
CA ARG A 177 25.30 0.94 -25.35
C ARG A 177 23.99 0.22 -25.63
N GLN A 178 23.87 -1.01 -25.17
CA GLN A 178 22.59 -1.71 -25.28
C GLN A 178 21.44 -0.91 -24.61
N MSE A 179 21.68 -0.28 -23.46
CA MSE A 179 20.66 0.55 -22.86
C MSE A 179 20.17 1.60 -23.87
O MSE A 179 18.96 1.80 -24.03
CB MSE A 179 21.19 1.24 -21.61
CG MSE A 179 20.30 2.33 -21.04
SE MSE A 179 18.66 1.62 -20.26
CE MSE A 179 19.46 0.81 -18.66
N PHE A 180 21.10 2.27 -24.54
CA PHE A 180 20.74 3.28 -25.54
C PHE A 180 19.90 2.69 -26.68
N ARG A 181 20.28 1.50 -27.15
CA ARG A 181 19.51 0.78 -28.20
C ARG A 181 18.11 0.38 -27.73
N SER A 182 18.05 -0.21 -26.53
CA SER A 182 16.77 -0.58 -25.91
C SER A 182 15.85 0.60 -25.67
N LEU A 183 16.42 1.77 -25.39
CA LEU A 183 15.62 2.96 -25.19
C LEU A 183 14.83 3.39 -26.47
N ARG A 184 15.33 3.01 -27.65
CA ARG A 184 14.60 3.31 -28.89
C ARG A 184 13.35 2.45 -29.02
N LYS A 185 13.34 1.27 -28.42
CA LYS A 185 12.15 0.41 -28.40
C LYS A 185 11.11 1.03 -27.49
N PHE A 186 11.58 1.47 -26.33
CA PHE A 186 10.75 2.16 -25.35
C PHE A 186 10.02 3.31 -25.98
N GLU A 187 10.75 4.22 -26.61
CA GLU A 187 10.09 5.39 -27.16
C GLU A 187 9.19 5.08 -28.36
N ALA A 188 9.32 3.87 -28.94
CA ALA A 188 8.37 3.38 -29.97
C ALA A 188 6.98 3.05 -29.41
N LEU A 189 6.85 2.89 -28.08
CA LEU A 189 5.56 2.63 -27.45
C LEU A 189 4.69 3.89 -27.41
N PRO A 190 3.36 3.73 -27.39
CA PRO A 190 2.46 4.87 -27.31
C PRO A 190 2.66 5.68 -26.04
N ASP A 191 2.42 6.99 -26.10
CA ASP A 191 2.59 7.84 -24.93
C ASP A 191 1.72 7.43 -23.72
N HIS A 192 0.60 6.74 -23.97
CA HIS A 192 -0.33 6.48 -22.90
C HIS A 192 0.05 5.30 -22.01
N VAL A 193 1.06 4.53 -22.43
CA VAL A 193 1.42 3.31 -21.70
C VAL A 193 2.09 3.61 -20.37
N GLN A 194 1.63 2.94 -19.33
CA GLN A 194 2.14 3.16 -17.99
C GLN A 194 3.52 2.56 -17.86
N VAL A 195 4.36 3.20 -17.06
CA VAL A 195 5.65 2.64 -16.70
C VAL A 195 5.68 2.31 -15.21
N LEU A 196 5.92 1.03 -14.92
CA LEU A 196 5.86 0.43 -13.59
C LEU A 196 7.18 -0.29 -13.33
N PRO A 197 8.10 0.35 -12.61
CA PRO A 197 9.44 -0.26 -12.52
C PRO A 197 9.60 -1.16 -11.32
N ALA A 198 10.76 -1.81 -11.27
CA ALA A 198 11.12 -2.71 -10.20
C ALA A 198 11.72 -1.99 -9.00
N HIS A 199 12.12 -0.74 -9.15
CA HIS A 199 12.72 0.01 -8.03
C HIS A 199 12.30 1.48 -7.99
N GLY A 200 12.51 2.08 -6.82
CA GLY A 200 12.16 3.47 -6.58
C GLY A 200 13.23 4.24 -5.86
N ALA A 201 12.89 5.47 -5.49
CA ALA A 201 13.80 6.40 -4.82
C ALA A 201 14.59 5.69 -3.74
N GLY A 202 15.91 5.71 -3.86
CA GLY A 202 16.81 5.27 -2.79
C GLY A 202 17.57 4.01 -3.10
N SER A 203 17.24 3.35 -4.21
CA SER A 203 17.89 2.11 -4.61
C SER A 203 19.31 2.39 -5.10
N ALA A 204 20.21 1.42 -4.87
CA ALA A 204 21.56 1.48 -5.45
C ALA A 204 21.57 1.09 -6.94
N CYS A 205 20.46 0.52 -7.44
CA CYS A 205 20.34 0.12 -8.86
C CYS A 205 20.25 1.29 -9.90
N GLY A 206 20.23 2.54 -9.43
CA GLY A 206 20.20 3.74 -10.30
C GLY A 206 20.73 5.03 -9.66
N LYS A 207 20.87 6.06 -10.46
CA LYS A 207 21.41 7.37 -10.01
C LYS A 207 20.44 8.18 -9.14
N ALA A 208 19.28 8.53 -9.73
CA ALA A 208 18.30 9.43 -9.10
C ALA A 208 16.87 9.00 -9.45
N LEU A 209 16.37 7.98 -8.77
CA LEU A 209 15.04 7.42 -9.04
C LEU A 209 14.02 8.26 -8.30
N GLY A 210 12.76 8.16 -8.73
CA GLY A 210 11.67 9.04 -8.26
C GLY A 210 10.90 8.51 -7.07
N ALA A 211 10.38 9.43 -6.26
CA ALA A 211 9.55 9.10 -5.09
C ALA A 211 8.08 8.98 -5.49
N VAL A 212 7.82 9.06 -6.79
CA VAL A 212 6.52 8.89 -7.40
C VAL A 212 6.55 7.47 -7.98
N PRO A 213 5.51 6.68 -7.69
CA PRO A 213 5.63 5.26 -7.85
C PRO A 213 5.46 4.74 -9.26
N SER A 214 5.00 5.58 -10.19
CA SER A 214 4.92 5.19 -11.62
C SER A 214 4.88 6.40 -12.54
N SER A 215 5.12 6.14 -13.82
CA SER A 215 5.07 7.19 -14.83
C SER A 215 4.38 6.72 -16.14
N THR A 216 4.73 7.33 -17.26
CA THR A 216 4.16 6.97 -18.55
C THR A 216 5.22 7.19 -19.62
N VAL A 217 5.19 6.36 -20.66
CA VAL A 217 6.12 6.46 -21.77
C VAL A 217 6.19 7.88 -22.30
N GLY A 218 5.04 8.55 -22.34
CA GLY A 218 4.99 9.93 -22.77
C GLY A 218 5.68 10.92 -21.84
N TYR A 219 5.55 10.74 -20.54
CA TYR A 219 6.16 11.65 -19.58
C TYR A 219 7.66 11.45 -19.54
N GLU A 220 8.10 10.20 -19.62
CA GLU A 220 9.52 9.91 -19.56
C GLU A 220 10.24 10.37 -20.82
N LYS A 221 9.58 10.29 -21.96
CA LYS A 221 10.19 10.78 -23.18
C LYS A 221 10.42 12.29 -23.06
N LEU A 222 9.57 12.99 -22.31
CA LEU A 222 9.69 14.42 -22.17
C LEU A 222 10.68 14.79 -21.06
N VAL A 223 10.65 14.11 -19.92
CA VAL A 223 11.40 14.60 -18.75
C VAL A 223 12.57 13.74 -18.28
N ASN A 224 12.61 12.47 -18.68
CA ASN A 224 13.69 11.58 -18.27
C ASN A 224 14.98 11.92 -19.01
N TRP A 225 16.05 12.18 -18.24
CA TRP A 225 17.35 12.62 -18.78
C TRP A 225 17.92 11.69 -19.86
N ALA A 226 17.79 10.38 -19.65
CA ALA A 226 18.37 9.37 -20.56
C ALA A 226 17.75 9.44 -21.95
N LEU A 227 16.50 9.90 -22.01
CA LEU A 227 15.72 9.96 -23.26
C LEU A 227 15.86 11.30 -24.01
N GLN A 228 16.77 12.15 -23.55
CA GLN A 228 17.09 13.39 -24.27
C GLN A 228 18.36 13.23 -25.11
N HIS A 229 19.20 12.26 -24.77
CA HIS A 229 20.44 12.02 -25.48
C HIS A 229 20.18 11.47 -26.87
N LYS A 230 20.69 12.15 -27.89
CA LYS A 230 20.63 11.69 -29.27
C LYS A 230 21.96 11.05 -29.73
N ASP A 231 23.04 11.25 -28.95
CA ASP A 231 24.37 10.74 -29.30
C ASP A 231 24.75 9.62 -28.35
N GLU A 232 25.12 8.46 -28.91
CA GLU A 232 25.37 7.26 -28.10
C GLU A 232 26.62 7.39 -27.25
N ASP A 233 27.68 7.95 -27.82
CA ASP A 233 28.93 8.16 -27.09
C ASP A 233 28.68 9.01 -25.84
N ALA A 234 27.98 10.13 -26.00
CA ALA A 234 27.73 11.03 -24.88
C ALA A 234 26.88 10.33 -23.83
N PHE A 235 25.95 9.48 -24.28
CA PHE A 235 25.08 8.78 -23.37
C PHE A 235 25.87 7.78 -22.50
N VAL A 236 26.81 7.05 -23.11
CA VAL A 236 27.61 6.10 -22.36
C VAL A 236 28.31 6.85 -21.24
N GLN A 237 28.94 7.96 -21.58
CA GLN A 237 29.60 8.83 -20.59
C GLN A 237 28.70 9.21 -19.43
N ALA A 238 27.52 9.72 -19.79
CA ALA A 238 26.60 10.29 -18.81
C ALA A 238 26.18 9.19 -17.87
N LEU A 239 25.71 8.10 -18.47
CA LEU A 239 25.24 6.93 -17.73
C LEU A 239 26.25 6.36 -16.76
N LEU A 240 27.53 6.27 -17.15
CA LEU A 240 28.56 5.71 -16.29
C LEU A 240 29.02 6.61 -15.12
N ALA A 241 28.88 7.92 -15.28
CA ALA A 241 29.32 8.86 -14.24
C ALA A 241 28.34 8.93 -13.06
N GLY A 242 28.89 9.16 -11.87
CA GLY A 242 28.09 9.43 -10.66
C GLY A 242 27.10 8.37 -10.23
N GLN A 243 27.34 7.10 -10.61
CA GLN A 243 26.50 5.98 -10.16
C GLN A 243 26.94 5.62 -8.74
N PRO A 244 25.97 5.36 -7.83
CA PRO A 244 26.31 5.05 -6.43
C PRO A 244 27.19 3.79 -6.25
N GLU A 245 27.72 3.60 -5.05
CA GLU A 245 28.59 2.45 -4.73
C GLU A 245 27.88 1.12 -4.94
N ALA A 246 28.64 0.12 -5.40
CA ALA A 246 28.13 -1.23 -5.60
C ALA A 246 28.38 -2.03 -4.34
N PRO A 247 27.31 -2.34 -3.57
CA PRO A 247 27.50 -3.10 -2.34
C PRO A 247 28.09 -4.45 -2.65
N ILE A 248 29.00 -4.89 -1.80
CA ILE A 248 29.76 -6.11 -2.07
C ILE A 248 28.85 -7.36 -2.14
N TYR A 249 27.72 -7.35 -1.44
CA TYR A 249 26.83 -8.50 -1.46
C TYR A 249 26.06 -8.69 -2.74
N PHE A 250 26.10 -7.73 -3.63
CA PHE A 250 25.44 -7.88 -4.92
C PHE A 250 26.02 -9.08 -5.70
N ALA A 251 27.33 -9.34 -5.56
CA ALA A 251 27.90 -10.53 -6.16
C ALA A 251 27.17 -11.81 -5.72
N ARG A 252 26.82 -11.87 -4.44
CA ARG A 252 26.19 -13.05 -3.87
C ARG A 252 24.77 -13.21 -4.39
N MSE A 253 24.04 -12.11 -4.53
CA MSE A 253 22.66 -12.13 -5.05
C MSE A 253 22.60 -12.60 -6.49
O MSE A 253 21.77 -13.42 -6.85
CB MSE A 253 22.03 -10.74 -4.97
CG MSE A 253 21.97 -10.15 -3.59
SE MSE A 253 20.69 -11.02 -2.44
CE MSE A 253 21.83 -12.30 -1.52
N LYS A 254 23.47 -12.06 -7.33
CA LYS A 254 23.53 -12.48 -8.72
C LYS A 254 23.77 -13.98 -8.83
N LEU A 255 24.54 -14.55 -7.92
CA LEU A 255 24.76 -15.98 -7.89
C LEU A 255 23.49 -16.71 -7.46
N VAL A 256 22.99 -16.32 -6.29
CA VAL A 256 21.87 -17.00 -5.67
C VAL A 256 20.66 -17.06 -6.61
N ASN A 257 20.31 -15.91 -7.19
CA ASN A 257 19.17 -15.83 -8.09
C ASN A 257 19.39 -16.59 -9.40
N LYS A 258 20.64 -16.76 -9.80
CA LYS A 258 20.96 -17.51 -11.00
C LYS A 258 20.87 -19.00 -10.72
N VAL A 259 21.53 -19.47 -9.67
CA VAL A 259 21.55 -20.93 -9.37
C VAL A 259 20.30 -21.42 -8.64
N GLY A 260 19.53 -20.49 -8.05
CA GLY A 260 18.26 -20.80 -7.39
C GLY A 260 18.43 -20.73 -5.89
N PRO A 261 17.67 -19.87 -5.21
CA PRO A 261 17.94 -19.65 -3.80
C PRO A 261 17.44 -20.79 -2.97
N ARG A 262 18.00 -20.94 -1.77
CA ARG A 262 17.57 -21.97 -0.83
C ARG A 262 16.16 -21.65 -0.38
N LEU A 263 15.39 -22.66 -0.04
CA LEU A 263 14.00 -22.42 0.31
C LEU A 263 13.87 -22.07 1.76
N LEU A 264 13.13 -21.00 2.05
CA LEU A 264 12.92 -20.54 3.42
C LEU A 264 12.55 -21.71 4.36
N ALA A 265 11.76 -22.66 3.88
CA ALA A 265 11.45 -23.85 4.68
C ALA A 265 12.69 -24.71 4.99
N GLU A 266 13.67 -24.74 4.07
CA GLU A 266 14.90 -25.52 4.30
C GLU A 266 15.73 -24.93 5.43
N LEU A 267 15.67 -23.61 5.62
CA LEU A 267 16.40 -22.90 6.69
C LEU A 267 15.72 -23.09 8.03
N GLY A 268 14.39 -23.03 8.01
CA GLY A 268 13.58 -23.10 9.21
C GLY A 268 13.48 -21.76 9.91
N ALA A 269 12.98 -21.81 11.15
CA ALA A 269 12.69 -20.61 11.93
C ALA A 269 13.72 -20.48 13.04
N PRO A 270 14.30 -19.29 13.19
CA PRO A 270 15.18 -19.06 14.31
C PRO A 270 14.43 -19.23 15.61
N GLU A 271 15.07 -19.96 16.53
CA GLU A 271 14.52 -20.20 17.86
C GLU A 271 14.49 -18.91 18.64
N ARG A 272 13.46 -18.69 19.44
CA ARG A 272 13.55 -17.68 20.49
C ARG A 272 14.18 -18.36 21.69
N VAL A 273 15.19 -17.72 22.27
CA VAL A 273 16.01 -18.36 23.28
C VAL A 273 16.05 -17.51 24.56
N ASP A 274 16.11 -18.19 25.71
CA ASP A 274 16.43 -17.54 26.98
C ASP A 274 17.93 -17.30 27.02
N LEU A 275 18.34 -16.07 27.30
CA LEU A 275 19.76 -15.78 27.48
C LEU A 275 19.98 -15.19 28.86
N PRO A 276 20.12 -16.07 29.87
CA PRO A 276 20.58 -15.61 31.16
C PRO A 276 22.08 -15.31 31.11
N PRO A 277 22.60 -14.50 32.05
CA PRO A 277 23.97 -13.97 31.99
C PRO A 277 25.02 -15.05 31.78
N GLU A 278 24.71 -16.24 32.27
CA GLU A 278 25.58 -17.40 32.14
C GLU A 278 25.80 -17.80 30.68
N ARG A 279 24.73 -17.80 29.89
CA ARG A 279 24.80 -18.27 28.50
C ARG A 279 25.39 -17.24 27.53
N VAL A 280 25.69 -16.05 28.04
CA VAL A 280 26.10 -14.93 27.19
C VAL A 280 27.46 -15.16 26.52
N ARG A 281 28.44 -15.67 27.24
CA ARG A 281 29.79 -15.84 26.67
C ARG A 281 29.85 -16.90 25.56
N ALA A 282 29.09 -17.98 25.70
CA ALA A 282 29.06 -19.03 24.67
C ALA A 282 28.41 -18.53 23.39
N TRP A 283 27.40 -17.68 23.56
CA TRP A 283 26.64 -17.08 22.47
C TRP A 283 27.47 -16.03 21.72
N ARG A 284 28.32 -15.32 22.46
CA ARG A 284 29.19 -14.30 21.88
C ARG A 284 30.29 -14.94 21.06
N GLU A 285 30.82 -16.04 21.58
CA GLU A 285 31.87 -16.79 20.90
C GLU A 285 31.30 -17.72 19.83
N GLY A 286 29.99 -17.91 19.83
CA GLY A 286 29.34 -18.85 18.89
C GLY A 286 28.97 -18.29 17.53
N GLY A 287 29.27 -17.02 17.29
CA GLY A 287 28.95 -16.37 16.01
C GLY A 287 28.93 -14.84 16.03
N VAL A 288 28.29 -14.24 15.04
CA VAL A 288 28.13 -12.80 15.01
C VAL A 288 26.84 -12.38 15.73
N VAL A 289 27.02 -11.56 16.75
CA VAL A 289 25.93 -11.00 17.51
C VAL A 289 25.51 -9.68 16.88
N LEU A 290 24.24 -9.58 16.52
CA LEU A 290 23.69 -8.38 15.91
C LEU A 290 22.60 -7.84 16.79
N ASP A 291 22.75 -6.59 17.21
CA ASP A 291 21.86 -5.93 18.16
C ASP A 291 21.17 -4.79 17.41
N VAL A 292 19.84 -4.79 17.37
CA VAL A 292 19.11 -3.82 16.52
C VAL A 292 18.37 -2.75 17.33
N ARG A 293 18.82 -2.55 18.57
CA ARG A 293 18.35 -1.42 19.38
C ARG A 293 18.84 -0.09 18.82
N PRO A 294 18.16 1.00 19.22
CA PRO A 294 18.66 2.33 18.95
C PRO A 294 20.08 2.47 19.47
N ALA A 295 20.91 3.19 18.72
CA ALA A 295 22.31 3.40 19.05
C ALA A 295 22.50 3.89 20.47
N ASP A 296 21.64 4.83 20.86
CA ASP A 296 21.67 5.47 22.16
C ASP A 296 21.77 4.44 23.25
N ALA A 297 20.84 3.50 23.21
CA ALA A 297 20.76 2.42 24.17
C ALA A 297 21.94 1.47 24.01
N PHE A 298 22.22 1.09 22.77
CA PHE A 298 23.35 0.24 22.50
C PHE A 298 24.63 0.80 23.12
N ALA A 299 24.83 2.11 22.98
CA ALA A 299 26.08 2.74 23.40
C ALA A 299 26.33 2.61 24.89
N LYS A 300 25.28 2.61 25.72
CA LYS A 300 25.44 2.50 27.17
C LYS A 300 25.82 1.09 27.61
N ARG A 301 25.21 0.09 27.01
CA ARG A 301 25.51 -1.28 27.37
C ARG A 301 25.18 -2.21 26.22
N HIS A 302 26.19 -2.95 25.75
CA HIS A 302 25.99 -3.94 24.69
C HIS A 302 26.92 -5.10 24.95
N LEU A 303 26.71 -6.20 24.24
CA LEU A 303 27.54 -7.38 24.43
C LEU A 303 28.81 -7.11 23.68
N ALA A 304 29.96 -7.22 24.34
CA ALA A 304 31.23 -6.92 23.72
C ALA A 304 31.38 -7.69 22.41
N GLY A 305 31.74 -6.95 21.36
CA GLY A 305 32.01 -7.52 20.05
C GLY A 305 30.79 -7.62 19.18
N SER A 306 29.66 -7.09 19.66
CA SER A 306 28.43 -7.15 18.91
C SER A 306 28.39 -5.96 18.01
N LEU A 307 27.53 -6.03 17.02
CA LEU A 307 27.38 -5.02 16.00
C LEU A 307 25.98 -4.40 16.10
N ASN A 308 25.88 -3.07 16.02
CA ASN A 308 24.61 -2.35 16.16
C ASN A 308 24.19 -1.86 14.79
N ILE A 309 23.05 -2.37 14.30
CA ILE A 309 22.39 -1.80 13.14
C ILE A 309 20.97 -1.53 13.59
N PRO A 310 20.72 -0.31 14.09
CA PRO A 310 19.41 0.06 14.57
C PRO A 310 18.33 -0.26 13.56
N TRP A 311 17.19 -0.75 14.08
CA TRP A 311 16.00 -1.06 13.27
C TRP A 311 15.34 0.24 12.81
N ASN A 312 15.50 0.53 11.54
CA ASN A 312 14.78 1.60 10.85
C ASN A 312 14.90 1.36 9.34
N LYS A 313 14.40 2.28 8.54
CA LYS A 313 14.41 2.18 7.07
C LYS A 313 15.76 1.76 6.47
N SER A 314 16.85 2.11 7.15
CA SER A 314 18.22 1.87 6.66
C SER A 314 18.78 0.52 7.04
N PHE A 315 18.04 -0.26 7.80
CA PHE A 315 18.60 -1.49 8.33
C PHE A 315 19.19 -2.35 7.22
N VAL A 316 18.38 -2.63 6.22
CA VAL A 316 18.78 -3.62 5.24
C VAL A 316 19.95 -3.12 4.40
N THR A 317 20.05 -1.81 4.22
CA THR A 317 21.17 -1.25 3.50
C THR A 317 22.45 -1.66 4.19
N TRP A 318 22.51 -1.42 5.50
CA TRP A 318 23.73 -1.62 6.25
C TRP A 318 23.98 -3.08 6.58
N ALA A 319 22.93 -3.84 6.85
CA ALA A 319 23.09 -5.28 6.94
C ALA A 319 23.85 -5.76 5.72
N GLY A 320 23.40 -5.35 4.53
CA GLY A 320 23.98 -5.82 3.29
C GLY A 320 25.43 -5.46 3.14
N TRP A 321 25.78 -4.25 3.57
CA TRP A 321 27.16 -3.78 3.51
C TRP A 321 28.08 -4.46 4.53
N LEU A 322 27.53 -4.81 5.68
CA LEU A 322 28.33 -5.06 6.87
C LEU A 322 28.32 -6.50 7.38
N LEU A 323 27.24 -7.24 7.14
CA LEU A 323 27.14 -8.60 7.65
C LEU A 323 27.54 -9.66 6.64
N PRO A 324 28.24 -10.71 7.10
CA PRO A 324 28.59 -11.87 6.30
C PRO A 324 27.46 -12.89 6.18
N ALA A 325 27.45 -13.66 5.10
CA ALA A 325 26.52 -14.80 4.94
C ALA A 325 27.21 -16.17 5.10
N ASP A 326 28.51 -16.15 5.45
CA ASP A 326 29.27 -17.36 5.72
C ASP A 326 29.42 -17.65 7.24
N ARG A 327 28.78 -16.84 8.09
CA ARG A 327 28.83 -16.97 9.57
C ARG A 327 27.40 -16.92 10.16
N PRO A 328 27.18 -17.70 11.24
CA PRO A 328 25.89 -17.71 11.89
C PRO A 328 25.67 -16.46 12.71
N ILE A 329 24.43 -16.03 12.75
CA ILE A 329 24.06 -14.75 13.31
C ILE A 329 23.18 -14.96 14.53
N HIS A 330 23.62 -14.43 15.67
CA HIS A 330 22.79 -14.37 16.86
C HIS A 330 22.18 -12.98 16.90
N LEU A 331 20.88 -12.89 17.11
CA LEU A 331 20.20 -11.61 16.99
C LEU A 331 19.65 -11.16 18.33
N LEU A 332 19.81 -9.89 18.64
CA LEU A 332 19.12 -9.31 19.77
C LEU A 332 18.09 -8.32 19.21
N ALA A 333 16.82 -8.58 19.51
CA ALA A 333 15.72 -7.82 18.95
C ALA A 333 14.46 -7.97 19.82
N ALA A 334 13.73 -6.87 20.02
CA ALA A 334 12.50 -6.91 20.81
C ALA A 334 11.54 -7.89 20.17
N ASP A 335 10.75 -8.57 20.99
CA ASP A 335 9.88 -9.63 20.49
C ASP A 335 8.92 -9.09 19.44
N ALA A 336 8.43 -7.87 19.65
CA ALA A 336 7.49 -7.25 18.71
C ALA A 336 8.03 -7.18 17.28
N ILE A 337 9.34 -6.99 17.11
CA ILE A 337 9.93 -6.76 15.79
C ILE A 337 10.86 -7.86 15.29
N ALA A 338 11.22 -8.81 16.12
CA ALA A 338 12.19 -9.82 15.72
C ALA A 338 11.82 -10.48 14.38
N PRO A 339 10.56 -10.94 14.23
CA PRO A 339 10.22 -11.61 12.97
C PRO A 339 10.43 -10.74 11.72
N ASP A 340 10.09 -9.46 11.81
CA ASP A 340 10.34 -8.52 10.71
C ASP A 340 11.84 -8.39 10.37
N VAL A 341 12.67 -8.32 11.41
CA VAL A 341 14.11 -8.18 11.26
C VAL A 341 14.68 -9.41 10.55
N ILE A 342 14.21 -10.59 10.94
CA ILE A 342 14.63 -11.84 10.31
C ILE A 342 14.22 -11.85 8.84
N ARG A 343 13.01 -11.41 8.58
CA ARG A 343 12.52 -11.35 7.22
C ARG A 343 13.42 -10.46 6.38
N ALA A 344 13.81 -9.32 6.97
CA ALA A 344 14.68 -8.35 6.30
C ALA A 344 16.00 -8.99 5.95
N LEU A 345 16.58 -9.67 6.91
CA LEU A 345 17.86 -10.35 6.71
C LEU A 345 17.74 -11.40 5.62
N ARG A 346 16.65 -12.13 5.64
CA ARG A 346 16.46 -13.18 4.65
C ARG A 346 16.31 -12.59 3.25
N SER A 347 15.74 -11.39 3.16
CA SER A 347 15.49 -10.76 1.88
C SER A 347 16.80 -10.48 1.16
N ILE A 348 17.87 -10.28 1.91
CA ILE A 348 19.17 -10.05 1.29
C ILE A 348 20.14 -11.23 1.49
N GLY A 349 19.61 -12.40 1.85
CA GLY A 349 20.44 -13.60 1.89
C GLY A 349 21.27 -13.85 3.14
N ILE A 350 20.98 -13.14 4.21
CA ILE A 350 21.59 -13.51 5.51
C ILE A 350 20.75 -14.62 6.11
N ASP A 351 21.12 -15.85 5.83
CA ASP A 351 20.23 -16.96 6.09
C ASP A 351 20.49 -17.61 7.45
N ASP A 352 21.77 -17.83 7.82
CA ASP A 352 22.08 -18.56 9.05
C ASP A 352 21.87 -17.69 10.30
N VAL A 353 20.61 -17.39 10.61
CA VAL A 353 20.28 -16.77 11.89
C VAL A 353 19.87 -17.92 12.79
N VAL A 354 20.71 -18.24 13.76
CA VAL A 354 20.50 -19.44 14.57
C VAL A 354 19.42 -19.21 15.61
N ASP A 355 19.53 -18.14 16.39
CA ASP A 355 18.52 -17.87 17.41
C ASP A 355 18.45 -16.40 17.82
N TRP A 356 17.40 -16.01 18.53
CA TRP A 356 17.25 -14.61 18.96
C TRP A 356 16.62 -14.47 20.32
N THR A 357 16.85 -13.32 20.94
CA THR A 357 16.25 -13.00 22.22
C THR A 357 16.11 -11.50 22.40
N ASP A 358 15.19 -11.10 23.26
CA ASP A 358 14.97 -9.69 23.58
C ASP A 358 16.26 -9.12 24.15
N PRO A 359 16.57 -7.86 23.79
CA PRO A 359 17.80 -7.24 24.26
C PRO A 359 17.85 -6.88 25.76
N ALA A 360 16.87 -7.33 26.55
CA ALA A 360 16.97 -7.18 27.99
C ALA A 360 18.06 -8.11 28.54
N ALA A 361 18.41 -9.14 27.77
CA ALA A 361 19.47 -10.08 28.16
C ALA A 361 20.80 -9.35 28.33
N VAL A 362 20.93 -8.16 27.75
CA VAL A 362 22.08 -7.30 28.01
C VAL A 362 22.16 -6.75 29.46
N ASP A 363 21.01 -6.54 30.10
CA ASP A 363 20.97 -5.84 31.41
C ASP A 363 21.82 -6.49 32.48
N ARG A 364 21.53 -7.76 32.79
CA ARG A 364 22.21 -8.47 33.87
C ARG A 364 23.46 -9.24 33.40
N ALA A 365 23.98 -8.92 32.21
CA ALA A 365 25.17 -9.60 31.68
C ALA A 365 26.41 -9.39 32.55
N ALA A 366 27.40 -10.26 32.38
CA ALA A 366 28.65 -10.18 33.15
C ALA A 366 29.51 -9.02 32.61
N PRO A 367 30.28 -8.35 33.49
CA PRO A 367 31.18 -7.26 33.08
C PRO A 367 32.19 -7.61 31.98
N ASP A 368 32.72 -8.83 31.98
CA ASP A 368 33.65 -9.25 30.92
C ASP A 368 32.94 -9.70 29.63
N ASP A 369 31.61 -9.62 29.62
CA ASP A 369 30.79 -9.86 28.42
C ASP A 369 30.25 -8.57 27.80
N VAL A 370 30.41 -7.44 28.48
CA VAL A 370 29.74 -6.22 28.05
C VAL A 370 30.72 -5.08 27.73
N ALA A 371 30.30 -4.18 26.86
CA ALA A 371 31.07 -3.01 26.52
C ALA A 371 30.19 -1.77 26.35
N SER A 372 30.85 -0.62 26.18
CA SER A 372 30.16 0.62 25.88
C SER A 372 31.04 1.54 25.05
N TYR A 373 30.43 2.58 24.48
CA TYR A 373 31.16 3.71 23.90
C TYR A 373 30.46 4.99 24.31
N ALA A 374 31.18 6.11 24.17
CA ALA A 374 30.67 7.37 24.68
C ALA A 374 29.98 8.12 23.55
N ASN A 375 28.83 8.69 23.85
CA ASN A 375 28.22 9.64 22.98
C ASN A 375 28.67 10.98 23.54
N VAL A 376 29.31 11.78 22.70
CA VAL A 376 29.92 13.05 23.12
C VAL A 376 29.38 14.22 22.31
N SER A 377 29.39 15.40 22.91
CA SER A 377 28.88 16.57 22.24
C SER A 377 30.01 17.17 21.44
N PRO A 378 29.68 18.02 20.46
CA PRO A 378 30.70 18.78 19.73
C PRO A 378 31.55 19.68 20.64
N ASP A 379 30.94 20.26 21.66
CA ASP A 379 31.68 21.10 22.61
C ASP A 379 32.84 20.31 23.19
N GLU A 380 32.56 19.08 23.57
CA GLU A 380 33.59 18.19 24.12
C GLU A 380 34.67 17.90 23.08
N VAL A 381 34.26 17.53 21.87
CA VAL A 381 35.23 17.24 20.82
C VAL A 381 36.15 18.44 20.51
N ARG A 382 35.59 19.64 20.55
CA ARG A 382 36.31 20.88 20.25
C ARG A 382 37.38 21.23 21.29
N GLY A 383 37.15 20.82 22.54
CA GLY A 383 38.12 21.06 23.61
C GLY A 383 39.29 20.11 23.51
N ALA A 384 39.00 18.87 23.12
CA ALA A 384 40.01 17.84 22.85
C ALA A 384 40.77 18.09 21.55
N LEU A 385 40.42 19.18 20.87
CA LEU A 385 40.95 19.48 19.56
C LEU A 385 42.19 20.34 19.71
N ALA A 386 42.13 21.33 20.60
CA ALA A 386 43.23 22.28 20.81
C ALA A 386 44.53 21.58 21.23
N GLN A 387 44.40 20.43 21.89
CA GLN A 387 45.53 19.58 22.29
C GLN A 387 45.67 18.32 21.43
N GLN A 388 44.85 18.19 20.39
CA GLN A 388 44.88 17.02 19.49
C GLN A 388 44.90 15.74 20.33
N GLY A 389 43.93 15.64 21.23
CA GLY A 389 43.73 14.44 22.04
C GLY A 389 43.09 13.33 21.22
N LEU A 390 42.32 13.70 20.20
CA LEU A 390 41.50 12.74 19.45
C LEU A 390 42.10 12.31 18.12
N TRP A 391 41.63 11.17 17.62
CA TRP A 391 41.90 10.73 16.25
C TRP A 391 40.55 10.69 15.57
N LEU A 392 40.26 11.73 14.81
CA LEU A 392 38.93 11.92 14.24
C LEU A 392 38.71 11.05 13.02
N LEU A 393 37.60 10.31 13.02
CA LEU A 393 37.18 9.52 11.87
C LEU A 393 35.87 10.04 11.31
N ASP A 394 35.90 10.40 10.03
CA ASP A 394 34.74 10.86 9.26
C ASP A 394 34.28 9.70 8.37
N VAL A 395 33.02 9.26 8.55
CA VAL A 395 32.50 8.10 7.83
C VAL A 395 31.51 8.43 6.69
N ARG A 396 31.45 9.70 6.32
CA ARG A 396 30.57 10.11 5.25
C ARG A 396 31.11 9.69 3.89
N ASN A 397 30.24 9.84 2.89
CA ASN A 397 30.62 9.64 1.51
C ASN A 397 31.64 10.68 1.07
N VAL A 398 32.29 10.38 -0.03
CA VAL A 398 33.33 11.24 -0.55
C VAL A 398 32.80 12.67 -0.80
N ASP A 399 31.63 12.78 -1.43
CA ASP A 399 31.07 14.09 -1.81
C ASP A 399 30.72 14.98 -0.63
N GLU A 400 30.33 14.36 0.47
CA GLU A 400 30.06 15.12 1.69
C GLU A 400 31.39 15.64 2.29
N TRP A 401 32.38 14.77 2.30
CA TRP A 401 33.72 15.11 2.74
C TRP A 401 34.22 16.36 2.00
N ALA A 402 34.16 16.30 0.68
CA ALA A 402 34.62 17.37 -0.19
C ALA A 402 34.00 18.72 0.15
N GLY A 403 32.75 18.71 0.63
CA GLY A 403 32.09 19.92 1.08
C GLY A 403 32.74 20.53 2.30
N GLY A 404 33.36 19.71 3.15
CA GLY A 404 34.01 20.21 4.37
C GLY A 404 33.95 19.21 5.53
N HIS A 405 35.01 19.13 6.31
CA HIS A 405 35.12 18.14 7.35
C HIS A 405 35.76 18.79 8.56
N LEU A 406 35.84 18.05 9.66
CA LEU A 406 36.47 18.56 10.87
C LEU A 406 37.98 18.57 10.72
N PRO A 407 38.65 19.45 11.48
CA PRO A 407 40.08 19.61 11.25
C PRO A 407 40.90 18.36 11.56
N GLN A 408 41.90 18.10 10.71
CA GLN A 408 42.81 16.95 10.86
C GLN A 408 42.07 15.59 10.91
N ALA A 409 40.89 15.54 10.29
CA ALA A 409 40.05 14.36 10.35
C ALA A 409 40.52 13.33 9.31
N HIS A 410 40.17 12.06 9.55
CA HIS A 410 40.52 10.96 8.65
C HIS A 410 39.25 10.48 7.99
N HIS A 411 39.29 10.24 6.69
CA HIS A 411 38.10 9.90 5.95
C HIS A 411 38.05 8.43 5.60
N ILE A 412 37.14 7.69 6.21
CA ILE A 412 36.78 6.35 5.74
C ILE A 412 35.26 6.18 5.77
N PRO A 413 34.61 6.22 4.58
CA PRO A 413 33.17 5.99 4.59
C PRO A 413 32.83 4.63 5.19
N LEU A 414 31.73 4.59 5.93
CA LEU A 414 31.29 3.37 6.58
C LEU A 414 31.25 2.16 5.63
N SER A 415 30.83 2.39 4.40
CA SER A 415 30.83 1.32 3.39
C SER A 415 32.19 0.66 3.28
N LYS A 416 33.26 1.41 3.52
CA LYS A 416 34.63 0.91 3.36
C LYS A 416 35.35 0.66 4.67
N LEU A 417 34.73 1.05 5.78
CA LEU A 417 35.38 0.99 7.08
C LEU A 417 35.88 -0.41 7.44
N ALA A 418 35.16 -1.44 7.02
CA ALA A 418 35.55 -2.80 7.37
C ALA A 418 36.91 -3.16 6.79
N ALA A 419 37.15 -2.82 5.53
CA ALA A 419 38.42 -3.12 4.85
C ALA A 419 39.63 -2.38 5.43
N HIS A 420 39.46 -1.07 5.62
CA HIS A 420 40.53 -0.19 6.10
C HIS A 420 40.58 -0.06 7.63
N ILE A 421 39.84 -0.90 8.35
CA ILE A 421 39.81 -0.82 9.82
C ILE A 421 41.23 -0.80 10.45
N HIS A 422 42.13 -1.61 9.88
N HIS A 422 42.15 -1.61 9.91
CA HIS A 422 43.53 -1.71 10.36
CA HIS A 422 43.50 -1.69 10.44
C HIS A 422 44.25 -0.36 10.39
C HIS A 422 44.27 -0.36 10.39
N ASP A 423 43.84 0.56 9.53
CA ASP A 423 44.40 1.92 9.52
C ASP A 423 43.95 2.75 10.74
N VAL A 424 42.97 2.26 11.48
CA VAL A 424 42.59 2.91 12.74
C VAL A 424 43.40 2.36 13.92
N PRO A 425 43.96 3.27 14.77
CA PRO A 425 44.80 2.84 15.87
C PRO A 425 43.98 2.36 17.10
N ARG A 426 44.33 1.20 17.63
CA ARG A 426 43.61 0.60 18.76
C ARG A 426 43.74 1.38 20.09
N ASP A 427 44.90 1.99 20.34
CA ASP A 427 45.12 2.69 21.60
C ASP A 427 44.78 4.20 21.52
N GLY A 428 44.52 4.71 20.32
CA GLY A 428 44.13 6.10 20.19
C GLY A 428 42.75 6.33 20.77
N SER A 429 42.43 7.60 21.04
CA SER A 429 41.06 8.00 21.37
C SER A 429 40.34 8.30 20.07
N VAL A 430 39.60 7.34 19.56
CA VAL A 430 38.94 7.52 18.26
C VAL A 430 37.62 8.23 18.43
N CYS A 431 37.41 9.29 17.66
CA CYS A 431 36.18 10.03 17.72
C CYS A 431 35.53 10.06 16.36
N VAL A 432 34.34 9.48 16.26
CA VAL A 432 33.75 9.21 14.96
C VAL A 432 32.50 10.04 14.71
N TYR A 433 32.33 10.50 13.46
CA TYR A 433 31.20 11.35 13.11
C TYR A 433 30.70 11.16 11.65
N CYS A 434 29.44 11.56 11.45
CA CYS A 434 28.84 11.68 10.11
C CYS A 434 28.00 12.99 9.99
N ARG A 435 27.05 13.03 9.06
CA ARG A 435 26.26 14.23 8.86
C ARG A 435 25.41 14.57 10.10
N THR A 436 24.82 13.52 10.69
CA THR A 436 23.79 13.66 11.72
C THR A 436 23.94 12.71 12.90
N GLY A 437 24.54 11.54 12.68
CA GLY A 437 24.89 10.64 13.79
C GLY A 437 24.47 9.18 13.64
N GLY A 438 23.65 8.90 12.62
CA GLY A 438 23.19 7.53 12.32
C GLY A 438 24.35 6.62 11.94
N ARG A 439 25.00 6.92 10.82
CA ARG A 439 26.13 6.12 10.34
C ARG A 439 27.25 5.99 11.37
N SER A 440 27.48 7.05 12.14
CA SER A 440 28.61 7.07 13.07
C SER A 440 28.40 6.09 14.21
N ALA A 441 27.17 6.00 14.69
CA ALA A 441 26.79 5.04 15.69
C ALA A 441 27.12 3.61 15.22
N ILE A 442 26.81 3.30 13.97
CA ILE A 442 27.09 1.95 13.48
C ILE A 442 28.61 1.77 13.46
N ALA A 443 29.32 2.77 12.97
CA ALA A 443 30.76 2.72 12.93
C ALA A 443 31.33 2.44 14.31
N ALA A 444 30.79 3.11 15.33
CA ALA A 444 31.33 2.99 16.66
C ALA A 444 31.32 1.54 17.12
N SER A 445 30.25 0.82 16.83
CA SER A 445 30.15 -0.58 17.26
C SER A 445 31.16 -1.42 16.51
N LEU A 446 31.36 -1.07 15.26
CA LEU A 446 32.29 -1.77 14.43
C LEU A 446 33.69 -1.55 14.97
N LEU A 447 33.97 -0.31 15.36
CA LEU A 447 35.27 0.01 15.96
C LEU A 447 35.52 -0.80 17.23
N ARG A 448 34.59 -0.74 18.20
CA ARG A 448 34.77 -1.45 19.48
C ARG A 448 34.97 -2.94 19.24
N ALA A 449 34.30 -3.48 18.24
CA ALA A 449 34.43 -4.90 17.88
C ALA A 449 35.82 -5.21 17.30
N HIS A 450 36.43 -4.27 16.58
CA HIS A 450 37.82 -4.42 16.14
C HIS A 450 38.76 -4.48 17.34
N GLY A 451 38.43 -3.76 18.42
CA GLY A 451 39.28 -3.72 19.62
C GLY A 451 39.73 -2.32 20.05
N VAL A 452 39.19 -1.30 19.40
CA VAL A 452 39.50 0.06 19.78
C VAL A 452 38.85 0.34 21.13
N GLY A 453 39.64 0.44 22.18
CA GLY A 453 39.12 0.59 23.53
C GLY A 453 38.32 1.87 23.73
N ASP A 454 38.99 3.00 23.54
CA ASP A 454 38.37 4.32 23.74
C ASP A 454 37.76 4.84 22.42
N VAL A 455 36.44 4.68 22.27
CA VAL A 455 35.73 5.20 21.08
C VAL A 455 34.62 6.15 21.47
N ARG A 456 34.54 7.30 20.81
CA ARG A 456 33.48 8.25 21.08
C ARG A 456 32.69 8.54 19.81
N ASN A 457 31.41 8.83 19.97
CA ASN A 457 30.54 9.17 18.84
C ASN A 457 30.02 10.60 19.01
N MSE A 458 30.07 11.40 17.95
CA MSE A 458 29.66 12.81 18.08
C MSE A 458 28.19 12.98 17.82
O MSE A 458 27.75 12.88 16.69
CB MSE A 458 30.46 13.73 17.17
CG MSE A 458 30.27 15.21 17.51
SE MSE A 458 31.57 16.35 16.59
CE MSE A 458 31.01 15.90 14.75
N VAL A 459 27.44 13.25 18.87
CA VAL A 459 26.01 13.42 18.78
C VAL A 459 25.71 14.62 17.88
N GLY A 460 24.80 14.43 16.92
CA GLY A 460 24.42 15.50 16.01
C GLY A 460 25.31 15.58 14.80
N GLY A 461 26.50 14.99 14.88
CA GLY A 461 27.41 14.90 13.74
C GLY A 461 27.84 16.26 13.21
N TYR A 462 28.32 16.28 11.97
CA TYR A 462 28.86 17.49 11.33
C TYR A 462 27.92 18.68 11.37
N GLU A 463 26.62 18.41 11.36
CA GLU A 463 25.62 19.48 11.28
C GLU A 463 25.54 20.24 12.61
N ALA A 464 25.52 19.52 13.71
CA ALA A 464 25.54 20.11 15.05
C ALA A 464 26.84 20.92 15.24
N TRP A 465 27.96 20.35 14.83
CA TRP A 465 29.27 21.00 14.85
C TRP A 465 29.28 22.28 13.99
N ARG A 466 28.96 22.14 12.71
CA ARG A 466 28.83 23.32 11.86
C ARG A 466 27.81 24.31 12.41
N GLY A 467 26.75 23.79 13.03
CA GLY A 467 25.69 24.60 13.59
C GLY A 467 26.15 25.50 14.72
N LYS A 468 27.09 24.98 15.53
CA LYS A 468 27.62 25.73 16.67
C LYS A 468 28.69 26.76 16.26
N GLY A 469 29.01 26.79 14.96
CA GLY A 469 29.97 27.74 14.42
C GLY A 469 31.40 27.29 14.60
N PHE A 470 31.60 25.99 14.84
CA PHE A 470 32.94 25.49 15.12
C PHE A 470 33.72 25.37 13.83
N PRO A 471 35.05 25.22 13.93
CA PRO A 471 35.87 25.32 12.74
C PRO A 471 35.80 24.10 11.83
N VAL A 472 35.86 24.38 10.52
CA VAL A 472 35.85 23.36 9.49
C VAL A 472 37.09 23.50 8.57
N GLU A 473 37.38 22.46 7.79
CA GLU A 473 38.45 22.49 6.79
C GLU A 473 37.96 21.89 5.48
N ALA A 474 38.47 22.40 4.36
CA ALA A 474 38.02 22.05 3.03
C ALA A 474 38.90 20.97 2.37
N ASN B 2 13.41 13.53 -8.90
CA ASN B 2 12.54 14.74 -9.00
C ASN B 2 12.02 15.24 -7.64
N ALA B 3 12.58 14.66 -6.57
CA ALA B 3 12.28 15.09 -5.20
C ALA B 3 10.78 15.31 -4.97
N MSE B 4 9.96 14.58 -5.73
CA MSE B 4 8.50 14.67 -5.65
C MSE B 4 7.95 13.37 -5.09
O MSE B 4 8.30 12.30 -5.58
CB MSE B 4 7.88 14.90 -7.02
CG MSE B 4 6.36 15.00 -6.96
SE MSE B 4 5.56 16.38 -8.10
CE MSE B 4 6.76 17.88 -7.65
N TYR B 5 7.12 13.49 -4.09
CA TYR B 5 6.56 12.36 -3.39
C TYR B 5 5.10 12.23 -3.73
N LEU B 6 4.69 11.00 -4.04
CA LEU B 6 3.26 10.70 -4.20
C LEU B 6 2.94 9.34 -3.63
N ARG B 7 1.85 9.26 -2.86
CA ARG B 7 1.39 8.01 -2.30
C ARG B 7 -0.14 7.88 -2.34
N ARG B 8 -0.60 6.67 -2.64
CA ARG B 8 -2.01 6.36 -2.73
C ARG B 8 -2.44 5.54 -1.53
N PHE B 9 -3.44 6.03 -0.82
CA PHE B 9 -4.04 5.31 0.28
C PHE B 9 -5.38 4.81 -0.20
N TYR B 10 -5.69 3.56 0.11
CA TYR B 10 -6.93 2.94 -0.34
C TYR B 10 -7.71 2.27 0.79
N ASP B 11 -9.01 2.55 0.83
CA ASP B 11 -9.94 1.94 1.76
C ASP B 11 -10.67 0.88 0.95
N GLU B 12 -10.40 -0.39 1.23
CA GLU B 12 -10.97 -1.48 0.42
C GLU B 12 -12.48 -1.52 0.62
N GLY B 13 -12.93 -1.23 1.85
CA GLY B 13 -14.34 -1.22 2.17
C GLY B 13 -15.15 -0.18 1.40
N LEU B 14 -14.72 1.07 1.41
CA LEU B 14 -15.43 2.12 0.65
C LEU B 14 -14.99 2.25 -0.81
N ALA B 15 -13.97 1.47 -1.19
CA ALA B 15 -13.37 1.52 -2.53
C ALA B 15 -12.88 2.93 -2.81
N HIS B 16 -12.26 3.57 -1.84
CA HIS B 16 -11.93 5.01 -1.89
C HIS B 16 -10.44 5.35 -1.87
N ALA B 17 -9.97 6.02 -2.91
CA ALA B 17 -8.56 6.35 -3.07
C ALA B 17 -8.29 7.80 -2.63
N SER B 18 -7.25 7.99 -1.82
CA SER B 18 -6.80 9.31 -1.43
C SER B 18 -5.29 9.39 -1.63
N TYR B 19 -4.76 10.62 -1.71
CA TYR B 19 -3.38 10.82 -2.07
C TYR B 19 -2.69 11.81 -1.18
N LEU B 20 -1.43 11.52 -0.88
CA LEU B 20 -0.51 12.42 -0.18
C LEU B 20 0.57 12.81 -1.20
N VAL B 21 0.65 14.11 -1.50
CA VAL B 21 1.53 14.62 -2.55
C VAL B 21 2.43 15.66 -1.92
N GLY B 22 3.73 15.57 -2.16
CA GLY B 22 4.64 16.52 -1.53
C GLY B 22 5.92 16.83 -2.27
N CYS B 23 6.63 17.84 -1.78
CA CYS B 23 7.93 18.23 -2.28
C CYS B 23 8.96 17.82 -1.25
N GLN B 24 9.87 16.96 -1.63
CA GLN B 24 10.85 16.46 -0.69
C GLN B 24 11.95 17.48 -0.44
N GLU B 25 12.09 18.47 -1.32
CA GLU B 25 13.08 19.51 -1.10
C GLU B 25 12.65 20.43 0.04
N THR B 26 11.40 20.87 0.01
CA THR B 26 10.91 21.77 1.05
C THR B 26 10.05 21.06 2.09
N GLY B 27 9.52 19.89 1.78
CA GLY B 27 8.71 19.15 2.73
C GLY B 27 7.23 19.47 2.71
N GLU B 28 6.82 20.51 2.00
CA GLU B 28 5.41 20.89 1.98
C GLU B 28 4.62 19.82 1.24
N ALA B 29 3.49 19.43 1.80
CA ALA B 29 2.69 18.33 1.27
C ALA B 29 1.21 18.64 1.42
N CYS B 30 0.38 17.89 0.71
CA CYS B 30 -1.05 18.00 0.83
C CYS B 30 -1.69 16.65 0.65
N VAL B 31 -2.95 16.56 1.07
CA VAL B 31 -3.71 15.33 0.94
C VAL B 31 -4.97 15.60 0.12
N ILE B 32 -5.21 14.71 -0.85
CA ILE B 32 -6.34 14.85 -1.76
C ILE B 32 -7.38 13.81 -1.34
N ASP B 33 -8.57 14.34 -1.01
CA ASP B 33 -9.72 13.54 -0.54
C ASP B 33 -9.37 12.66 0.64
N PRO B 34 -8.88 13.28 1.70
CA PRO B 34 -8.52 12.46 2.87
C PRO B 34 -9.72 11.77 3.51
N ALA B 35 -9.51 10.54 3.96
CA ALA B 35 -10.44 9.86 4.88
C ALA B 35 -10.54 10.65 6.19
N ARG B 36 -11.57 10.38 6.98
CA ARG B 36 -11.74 11.06 8.26
C ARG B 36 -10.62 10.74 9.23
N ASP B 37 -10.26 9.47 9.28
CA ASP B 37 -9.11 9.05 10.07
C ASP B 37 -7.84 9.48 9.34
N VAL B 38 -7.22 10.54 9.83
CA VAL B 38 -6.11 11.18 9.16
C VAL B 38 -4.74 10.64 9.58
N GLU B 39 -4.72 9.75 10.55
CA GLU B 39 -3.47 9.23 11.13
C GLU B 39 -2.49 8.60 10.14
N PRO B 40 -2.98 7.80 9.20
CA PRO B 40 -2.04 7.23 8.22
C PRO B 40 -1.27 8.30 7.43
N TYR B 41 -1.94 9.41 7.12
CA TYR B 41 -1.33 10.52 6.42
C TYR B 41 -0.29 11.23 7.28
N LEU B 42 -0.63 11.47 8.54
CA LEU B 42 0.26 12.21 9.44
C LEU B 42 1.48 11.37 9.74
N LEU B 43 1.25 10.08 9.92
CA LEU B 43 2.27 9.11 10.25
C LEU B 43 3.23 8.96 9.08
N THR B 44 2.68 8.89 7.86
CA THR B 44 3.51 8.72 6.68
C THR B 44 4.33 9.99 6.44
N ALA B 45 3.66 11.15 6.50
CA ALA B 45 4.32 12.44 6.37
C ALA B 45 5.52 12.60 7.31
N LYS B 46 5.35 12.19 8.56
CA LYS B 46 6.42 12.27 9.55
C LYS B 46 7.61 11.42 9.10
N ARG B 47 7.37 10.14 8.86
CA ARG B 47 8.39 9.21 8.38
C ARG B 47 9.12 9.75 7.18
N GLU B 48 8.38 10.35 6.27
CA GLU B 48 8.93 10.76 4.99
C GLU B 48 9.46 12.19 5.03
N GLY B 49 9.40 12.81 6.20
CA GLY B 49 9.90 14.18 6.40
C GLY B 49 9.08 15.23 5.68
N LEU B 50 7.77 15.04 5.63
CA LEU B 50 6.91 16.02 5.00
C LEU B 50 6.04 16.68 6.03
N ARG B 51 5.40 17.78 5.65
CA ARG B 51 4.42 18.41 6.52
C ARG B 51 3.20 18.75 5.69
N ILE B 52 2.05 18.23 6.10
CA ILE B 52 0.82 18.46 5.38
C ILE B 52 0.35 19.89 5.67
N VAL B 53 0.30 20.73 4.64
CA VAL B 53 -0.08 22.14 4.80
C VAL B 53 -1.47 22.48 4.23
N ALA B 54 -2.08 21.53 3.51
CA ALA B 54 -3.42 21.72 2.96
C ALA B 54 -4.11 20.38 2.71
N ALA B 55 -5.44 20.37 2.69
CA ALA B 55 -6.21 19.17 2.39
C ALA B 55 -7.23 19.53 1.32
N LEU B 56 -7.17 18.84 0.19
CA LEU B 56 -8.00 19.18 -0.95
C LEU B 56 -9.14 18.17 -1.12
N GLU B 57 -10.34 18.71 -1.29
CA GLU B 57 -11.50 17.92 -1.64
C GLU B 57 -11.77 18.09 -3.13
N THR B 58 -11.94 16.99 -3.85
CA THR B 58 -12.41 17.04 -5.23
C THR B 58 -13.89 17.39 -5.32
N HIS B 59 -14.69 16.88 -4.39
CA HIS B 59 -16.14 17.16 -4.32
C HIS B 59 -16.68 17.00 -2.89
N ILE B 60 -17.95 17.34 -2.69
CA ILE B 60 -18.65 16.97 -1.47
C ILE B 60 -19.08 15.50 -1.57
N HIS B 61 -18.46 14.65 -0.77
CA HIS B 61 -18.58 13.20 -0.93
C HIS B 61 -19.87 12.68 -0.37
N ALA B 62 -20.42 11.67 -1.04
CA ALA B 62 -21.72 11.12 -0.70
C ALA B 62 -21.62 9.84 0.12
N ASP B 63 -20.44 9.23 0.12
CA ASP B 63 -20.27 7.89 0.67
C ASP B 63 -19.43 7.79 1.92
N PHE B 64 -18.59 8.79 2.19
CA PHE B 64 -17.80 8.79 3.42
C PHE B 64 -17.65 10.19 3.94
N VAL B 65 -17.30 10.27 5.21
CA VAL B 65 -17.06 11.55 5.89
C VAL B 65 -15.67 12.03 5.45
N SER B 66 -15.60 13.27 4.98
CA SER B 66 -14.34 13.86 4.55
C SER B 66 -13.46 14.20 5.75
N GLY B 67 -12.16 13.91 5.64
CA GLY B 67 -11.19 14.28 6.68
C GLY B 67 -10.53 15.65 6.51
N ALA B 68 -11.11 16.51 5.70
CA ALA B 68 -10.57 17.86 5.50
C ALA B 68 -10.48 18.66 6.81
N ARG B 69 -11.58 18.66 7.56
CA ARG B 69 -11.61 19.38 8.81
C ARG B 69 -10.69 18.71 9.80
N GLU B 70 -10.69 17.39 9.82
CA GLU B 70 -9.85 16.68 10.78
C GLU B 70 -8.38 17.05 10.57
N MSE B 71 -7.98 17.18 9.32
CA MSE B 71 -6.65 17.67 8.98
C MSE B 71 -6.48 19.15 9.33
O MSE B 71 -5.44 19.52 9.89
CB MSE B 71 -6.38 17.50 7.50
CG MSE B 71 -4.92 17.61 7.18
SE MSE B 71 -4.00 16.01 7.77
CE MSE B 71 -4.66 14.85 6.33
N ALA B 72 -7.47 19.97 8.96
CA ALA B 72 -7.51 21.39 9.35
C ALA B 72 -7.18 21.53 10.82
N ASP B 73 -7.81 20.70 11.65
CA ASP B 73 -7.62 20.77 13.07
C ASP B 73 -6.30 20.21 13.57
N ARG B 74 -5.93 19.02 13.09
CA ARG B 74 -4.85 18.29 13.74
C ARG B 74 -3.48 18.59 13.16
N ALA B 75 -3.42 19.07 11.92
CA ALA B 75 -2.16 19.48 11.30
C ALA B 75 -2.12 20.96 10.96
N GLY B 76 -3.17 21.71 11.37
CA GLY B 76 -3.26 23.14 11.08
C GLY B 76 -3.36 23.46 9.59
N ALA B 77 -3.85 22.52 8.79
CA ALA B 77 -3.78 22.65 7.33
C ALA B 77 -4.85 23.55 6.73
N ALA B 78 -4.65 23.96 5.49
CA ALA B 78 -5.61 24.79 4.78
C ALA B 78 -6.66 23.91 4.10
N ILE B 79 -7.92 24.24 4.33
CA ILE B 79 -9.02 23.51 3.73
C ILE B 79 -9.26 24.10 2.34
N CYS B 80 -9.02 23.27 1.32
CA CYS B 80 -9.04 23.72 -0.07
C CYS B 80 -10.18 23.04 -0.78
N VAL B 81 -11.23 23.79 -1.05
CA VAL B 81 -12.44 23.23 -1.64
C VAL B 81 -13.01 24.10 -2.75
N SER B 82 -13.70 23.48 -3.69
CA SER B 82 -14.39 24.19 -4.78
C SER B 82 -15.34 25.30 -4.29
N ASP B 83 -15.34 26.43 -5.00
CA ASP B 83 -16.37 27.47 -4.82
C ASP B 83 -17.11 27.64 -6.15
N GLU B 84 -17.20 26.57 -6.92
CA GLU B 84 -17.80 26.60 -8.26
C GLU B 84 -19.23 26.05 -8.27
N GLY B 85 -19.69 25.53 -7.12
CA GLY B 85 -21.05 25.03 -7.01
C GLY B 85 -22.02 26.18 -6.88
N PRO B 86 -23.33 25.90 -6.99
CA PRO B 86 -24.35 26.88 -6.69
C PRO B 86 -24.39 27.16 -5.20
N PRO B 87 -25.17 28.17 -4.77
CA PRO B 87 -25.24 28.55 -3.35
C PRO B 87 -25.55 27.40 -2.40
N GLU B 88 -26.39 26.46 -2.83
CA GLU B 88 -26.80 25.31 -2.00
C GLU B 88 -25.73 24.20 -1.87
N TRP B 89 -24.63 24.29 -2.61
CA TRP B 89 -23.51 23.37 -2.45
C TRP B 89 -22.21 24.15 -2.27
N LYS B 90 -22.21 25.01 -1.25
CA LYS B 90 -21.04 25.78 -0.80
C LYS B 90 -20.63 25.29 0.57
N SER B 91 -19.34 25.26 0.82
CA SER B 91 -18.81 24.82 2.12
C SER B 91 -18.42 26.00 3.01
N GLU B 92 -19.39 26.76 3.49
CA GLU B 92 -19.08 27.98 4.27
C GLU B 92 -18.34 27.75 5.59
N TYR B 93 -18.30 26.52 6.11
CA TYR B 93 -17.69 26.27 7.42
C TYR B 93 -16.17 26.46 7.35
N VAL B 94 -15.58 26.21 6.18
CA VAL B 94 -14.13 26.30 6.01
C VAL B 94 -13.58 27.69 6.32
N LYS B 95 -14.45 28.70 6.31
CA LYS B 95 -14.04 30.08 6.57
C LYS B 95 -13.52 30.31 7.99
N ALA B 96 -13.90 29.44 8.91
CA ALA B 96 -13.35 29.43 10.27
C ALA B 96 -11.95 28.78 10.29
N TYR B 97 -11.41 28.46 9.11
CA TYR B 97 -10.07 27.93 9.02
C TYR B 97 -9.26 28.64 7.96
N PRO B 98 -7.92 28.57 8.06
CA PRO B 98 -7.12 28.84 6.87
C PRO B 98 -7.65 27.94 5.76
N HIS B 99 -7.92 28.52 4.61
CA HIS B 99 -8.73 27.87 3.58
C HIS B 99 -8.53 28.51 2.23
N ARG B 100 -8.99 27.83 1.20
CA ARG B 100 -9.02 28.35 -0.17
C ARG B 100 -10.32 27.93 -0.88
N LEU B 101 -11.02 28.92 -1.41
CA LEU B 101 -12.25 28.73 -2.14
C LEU B 101 -11.88 28.77 -3.62
N LEU B 102 -11.77 27.59 -4.20
CA LEU B 102 -11.12 27.43 -5.49
C LEU B 102 -12.06 27.70 -6.65
N LYS B 103 -11.54 28.33 -7.71
CA LYS B 103 -12.24 28.47 -8.99
C LYS B 103 -11.40 27.83 -10.12
N ASP B 104 -12.04 27.57 -11.26
CA ASP B 104 -11.36 27.04 -12.45
C ASP B 104 -10.13 27.88 -12.80
N GLY B 105 -8.98 27.21 -12.96
CA GLY B 105 -7.74 27.89 -13.32
C GLY B 105 -6.85 28.31 -12.16
N ASP B 106 -7.38 28.27 -10.94
CA ASP B 106 -6.59 28.59 -9.75
C ASP B 106 -5.46 27.58 -9.58
N GLU B 107 -4.41 28.03 -8.90
CA GLU B 107 -3.20 27.23 -8.76
C GLU B 107 -2.81 27.11 -7.30
N LEU B 108 -2.31 25.93 -6.90
CA LEU B 108 -1.81 25.71 -5.54
C LEU B 108 -0.37 25.27 -5.62
N HIS B 109 0.46 25.89 -4.79
CA HIS B 109 1.89 25.68 -4.82
C HIS B 109 2.41 25.18 -3.48
N PHE B 110 2.97 23.98 -3.49
CA PHE B 110 3.67 23.44 -2.34
C PHE B 110 5.07 23.11 -2.82
N GLY B 111 6.00 23.99 -2.55
CA GLY B 111 7.35 23.83 -3.04
C GLY B 111 7.33 23.65 -4.55
N ASN B 112 7.94 22.59 -5.04
CA ASN B 112 7.96 22.34 -6.47
C ASN B 112 6.66 21.72 -6.98
N VAL B 113 5.78 21.33 -6.08
CA VAL B 113 4.49 20.82 -6.51
C VAL B 113 3.57 21.97 -6.93
N ARG B 114 3.20 21.95 -8.21
CA ARG B 114 2.27 22.91 -8.80
C ARG B 114 0.99 22.17 -9.17
N ILE B 115 -0.13 22.63 -8.63
CA ILE B 115 -1.42 22.03 -8.93
C ILE B 115 -2.34 23.08 -9.50
N VAL B 116 -3.09 22.71 -10.54
CA VAL B 116 -4.02 23.63 -11.19
C VAL B 116 -5.43 23.08 -11.12
N VAL B 117 -6.37 23.94 -10.78
CA VAL B 117 -7.76 23.55 -10.60
C VAL B 117 -8.56 23.55 -11.91
N MSE B 118 -9.18 22.41 -12.21
CA MSE B 118 -10.06 22.24 -13.38
C MSE B 118 -11.48 21.96 -12.95
O MSE B 118 -11.76 20.89 -12.42
CB MSE B 118 -9.61 21.07 -14.23
CG MSE B 118 -8.34 21.30 -15.00
SE MSE B 118 -7.87 19.70 -16.00
CE MSE B 118 -9.43 19.55 -17.17
N HIS B 119 -12.39 22.90 -13.18
CA HIS B 119 -13.79 22.69 -12.86
C HIS B 119 -14.37 21.66 -13.82
N THR B 120 -14.85 20.54 -13.27
CA THR B 120 -15.26 19.40 -14.05
C THR B 120 -16.58 18.84 -13.56
N PRO B 121 -17.65 19.63 -13.68
CA PRO B 121 -18.95 19.20 -13.19
C PRO B 121 -19.44 17.95 -13.91
N GLY B 122 -20.24 17.14 -13.22
CA GLY B 122 -20.75 15.87 -13.76
C GLY B 122 -21.28 14.98 -12.65
N HIS B 123 -20.37 14.48 -11.80
CA HIS B 123 -20.73 13.75 -10.58
C HIS B 123 -21.50 14.74 -9.72
N THR B 124 -20.92 15.91 -9.51
CA THR B 124 -21.54 16.95 -8.69
C THR B 124 -21.39 18.28 -9.42
N PRO B 125 -22.15 19.30 -9.01
CA PRO B 125 -22.03 20.59 -9.68
C PRO B 125 -20.70 21.29 -9.46
N GLU B 126 -20.13 21.12 -8.26
CA GLU B 126 -18.96 21.87 -7.84
C GLU B 126 -17.67 21.16 -8.17
N HIS B 127 -17.77 19.89 -8.56
CA HIS B 127 -16.63 19.00 -8.70
C HIS B 127 -15.49 19.65 -9.44
N VAL B 128 -14.29 19.44 -8.93
CA VAL B 128 -13.07 19.95 -9.55
C VAL B 128 -12.01 18.87 -9.54
N SER B 129 -11.14 18.86 -10.53
CA SER B 129 -10.05 17.92 -10.58
C SER B 129 -8.77 18.71 -10.49
N TYR B 130 -7.73 18.07 -10.01
CA TYR B 130 -6.46 18.71 -9.78
C TYR B 130 -5.43 18.15 -10.75
N LEU B 131 -4.89 19.04 -11.58
CA LEU B 131 -3.84 18.73 -12.53
C LEU B 131 -2.48 19.06 -11.90
N LEU B 132 -1.55 18.10 -11.92
CA LEU B 132 -0.29 18.20 -11.22
C LEU B 132 0.86 18.41 -12.19
N TYR B 133 1.76 19.34 -11.88
CA TYR B 133 2.99 19.54 -12.63
C TYR B 133 4.17 19.49 -11.66
N ASP B 134 5.33 19.07 -12.15
CA ASP B 134 6.55 19.12 -11.38
C ASP B 134 7.31 20.40 -11.74
N GLY B 135 7.21 21.40 -10.86
CA GLY B 135 7.80 22.72 -11.12
C GLY B 135 9.33 22.75 -11.15
N LYS B 136 9.95 21.77 -10.51
CA LYS B 136 11.41 21.67 -10.50
C LYS B 136 11.91 21.26 -11.88
N THR B 137 11.41 20.13 -12.36
CA THR B 137 11.91 19.52 -13.60
C THR B 137 11.22 20.12 -14.82
N SER B 138 9.89 20.04 -14.86
CA SER B 138 9.12 20.42 -16.03
C SER B 138 7.85 21.17 -15.65
N PRO B 139 7.94 22.49 -15.45
CA PRO B 139 6.80 23.24 -14.92
C PRO B 139 5.60 23.36 -15.86
N ASP B 140 5.83 23.28 -17.17
CA ASP B 140 4.74 23.39 -18.15
C ASP B 140 4.29 22.03 -18.72
N VAL B 141 4.86 20.93 -18.22
CA VAL B 141 4.45 19.59 -18.61
C VAL B 141 3.59 18.97 -17.52
N PRO B 142 2.31 18.71 -17.83
CA PRO B 142 1.46 18.07 -16.82
C PRO B 142 1.78 16.58 -16.62
N MSE B 143 1.69 16.15 -15.36
CA MSE B 143 2.05 14.80 -14.97
C MSE B 143 0.86 13.89 -14.66
O MSE B 143 0.80 12.74 -15.10
CB MSE B 143 2.95 14.85 -13.74
CG MSE B 143 3.66 13.54 -13.50
SE MSE B 143 4.62 13.56 -11.82
CE MSE B 143 3.47 12.31 -10.85
N ALA B 144 -0.08 14.42 -13.87
CA ALA B 144 -1.17 13.61 -13.36
C ALA B 144 -2.42 14.45 -13.10
N LEU B 145 -3.57 13.82 -13.27
CA LEU B 145 -4.84 14.42 -12.95
C LEU B 145 -5.42 13.66 -11.80
N PHE B 146 -5.72 14.36 -10.71
CA PHE B 146 -6.50 13.76 -9.65
C PHE B 146 -7.91 14.03 -10.08
N SER B 147 -8.51 12.96 -10.62
CA SER B 147 -9.78 13.06 -11.33
C SER B 147 -11.02 12.95 -10.44
N GLY B 148 -10.84 12.69 -9.14
CA GLY B 148 -11.96 12.64 -8.22
C GLY B 148 -12.93 11.56 -8.68
N ASP B 149 -14.23 11.88 -8.63
CA ASP B 149 -15.26 11.02 -9.18
C ASP B 149 -15.76 11.53 -10.55
N PHE B 150 -14.87 12.17 -11.31
CA PHE B 150 -15.19 12.69 -12.64
C PHE B 150 -14.88 11.58 -13.65
N VAL B 151 -13.61 11.24 -13.81
CA VAL B 151 -13.25 10.11 -14.67
C VAL B 151 -12.58 9.01 -13.85
N PHE B 152 -13.08 7.79 -14.00
CA PHE B 152 -12.56 6.62 -13.30
C PHE B 152 -11.72 5.79 -14.26
N VAL B 153 -11.26 4.63 -13.80
CA VAL B 153 -10.63 3.67 -14.70
C VAL B 153 -11.75 2.82 -15.30
N GLY B 154 -12.05 3.06 -16.57
CA GLY B 154 -13.12 2.34 -17.27
C GLY B 154 -14.54 2.89 -17.10
N ASP B 155 -14.68 4.07 -16.49
CA ASP B 155 -15.99 4.65 -16.19
C ASP B 155 -15.92 6.13 -15.83
N VAL B 156 -17.08 6.76 -15.66
CA VAL B 156 -17.14 8.12 -15.16
C VAL B 156 -18.17 8.15 -14.07
N GLY B 157 -18.13 9.20 -13.27
CA GLY B 157 -19.03 9.37 -12.15
C GLY B 157 -20.49 9.43 -12.51
N ARG B 158 -21.30 8.95 -11.59
CA ARG B 158 -22.74 8.98 -11.74
C ARG B 158 -23.25 10.40 -11.45
N PRO B 159 -24.20 10.89 -12.26
CA PRO B 159 -24.68 12.23 -12.14
C PRO B 159 -25.99 12.36 -11.36
N ASP B 160 -26.50 11.26 -10.82
CA ASP B 160 -27.90 11.22 -10.34
C ASP B 160 -28.07 11.20 -8.80
N LEU B 161 -26.98 11.43 -8.08
CA LEU B 161 -27.04 11.43 -6.61
C LEU B 161 -27.80 12.63 -6.10
N LEU B 162 -27.65 13.80 -6.74
CA LEU B 162 -28.38 14.99 -6.29
C LEU B 162 -29.89 14.85 -6.39
N GLU B 163 -30.35 14.14 -7.43
CA GLU B 163 -31.78 13.93 -7.65
C GLU B 163 -32.36 12.90 -6.67
N ARG B 164 -31.57 11.88 -6.32
CA ARG B 164 -32.06 10.71 -5.58
C ARG B 164 -32.06 10.91 -4.06
N VAL B 165 -30.98 11.44 -3.51
CA VAL B 165 -30.87 11.63 -2.05
C VAL B 165 -31.23 13.07 -1.60
N ALA B 166 -30.89 14.07 -2.43
CA ALA B 166 -31.14 15.48 -2.12
C ALA B 166 -32.49 16.02 -2.66
N GLY B 167 -33.16 15.24 -3.52
CA GLY B 167 -34.49 15.58 -4.04
C GLY B 167 -34.53 16.69 -5.07
N GLU B 168 -33.40 16.95 -5.75
CA GLU B 168 -33.31 18.02 -6.74
C GLU B 168 -33.84 17.59 -8.12
N SER B 169 -35.05 18.03 -8.44
CA SER B 169 -35.73 17.66 -9.69
C SER B 169 -34.95 17.96 -10.97
N GLY B 170 -34.86 16.97 -11.85
CA GLY B 170 -34.24 17.13 -13.17
C GLY B 170 -32.76 17.42 -13.19
N SER B 171 -32.07 17.18 -12.07
CA SER B 171 -30.65 17.47 -11.97
C SER B 171 -29.76 16.35 -12.53
N SER B 172 -30.29 15.12 -12.58
CA SER B 172 -29.57 14.00 -13.17
C SER B 172 -29.31 14.28 -14.63
N GLU B 173 -30.34 14.77 -15.32
CA GLU B 173 -30.20 15.14 -16.71
C GLU B 173 -29.20 16.30 -16.88
N ALA B 174 -29.37 17.36 -16.09
CA ALA B 174 -28.53 18.55 -16.18
C ALA B 174 -27.08 18.20 -15.93
N LEU B 175 -26.83 17.39 -14.90
CA LEU B 175 -25.46 17.01 -14.57
C LEU B 175 -24.89 16.04 -15.60
N ALA B 176 -25.71 15.12 -16.07
CA ALA B 176 -25.28 14.22 -17.14
C ALA B 176 -24.74 15.03 -18.31
N ARG B 177 -25.41 16.14 -18.64
CA ARG B 177 -24.97 17.03 -19.70
C ARG B 177 -23.67 17.75 -19.37
N GLN B 178 -23.50 18.19 -18.13
CA GLN B 178 -22.24 18.82 -17.74
C GLN B 178 -21.10 17.80 -17.74
N MSE B 179 -21.36 16.55 -17.37
CA MSE B 179 -20.38 15.47 -17.54
C MSE B 179 -19.88 15.38 -19.00
O MSE B 179 -18.69 15.24 -19.24
CB MSE B 179 -20.96 14.13 -17.09
CG MSE B 179 -20.08 12.93 -17.41
SE MSE B 179 -18.41 12.93 -16.40
CE MSE B 179 -19.17 12.36 -14.67
N PHE B 180 -20.80 15.45 -19.96
CA PHE B 180 -20.43 15.38 -21.39
C PHE B 180 -19.53 16.54 -21.79
N ARG B 181 -19.89 17.76 -21.38
CA ARG B 181 -19.06 18.92 -21.66
C ARG B 181 -17.69 18.82 -20.98
N SER B 182 -17.69 18.41 -19.71
CA SER B 182 -16.44 18.28 -18.94
C SER B 182 -15.49 17.27 -19.57
N LEU B 183 -16.04 16.19 -20.10
CA LEU B 183 -15.21 15.19 -20.77
C LEU B 183 -14.40 15.74 -21.96
N ARG B 184 -14.91 16.77 -22.63
CA ARG B 184 -14.18 17.41 -23.74
C ARG B 184 -12.90 18.09 -23.24
N LYS B 185 -12.95 18.64 -22.03
CA LYS B 185 -11.76 19.24 -21.38
C LYS B 185 -10.74 18.16 -21.05
N PHE B 186 -11.25 17.00 -20.64
CA PHE B 186 -10.41 15.85 -20.35
C PHE B 186 -9.63 15.39 -21.61
N GLU B 187 -10.31 15.19 -22.71
CA GLU B 187 -9.59 14.69 -23.89
C GLU B 187 -8.63 15.71 -24.49
N ALA B 188 -8.78 16.98 -24.11
CA ALA B 188 -7.84 18.03 -24.54
C ALA B 188 -6.48 17.92 -23.84
N LEU B 189 -6.41 17.18 -22.74
CA LEU B 189 -5.13 16.89 -22.10
C LEU B 189 -4.22 15.94 -22.92
N PRO B 190 -2.90 16.03 -22.72
CA PRO B 190 -1.96 15.14 -23.38
C PRO B 190 -2.14 13.70 -22.96
N ASP B 191 -1.91 12.76 -23.88
CA ASP B 191 -2.15 11.33 -23.60
C ASP B 191 -1.32 10.75 -22.44
N HIS B 192 -0.16 11.34 -22.20
CA HIS B 192 0.78 10.83 -21.19
C HIS B 192 0.30 11.06 -19.76
N VAL B 193 -0.68 11.95 -19.57
CA VAL B 193 -1.09 12.36 -18.22
C VAL B 193 -1.71 11.17 -17.48
N GLN B 194 -1.32 11.00 -16.22
CA GLN B 194 -1.83 9.92 -15.39
C GLN B 194 -3.20 10.30 -14.89
N VAL B 195 -4.03 9.28 -14.64
CA VAL B 195 -5.36 9.49 -14.14
C VAL B 195 -5.50 8.77 -12.79
N LEU B 196 -5.80 9.57 -11.77
CA LEU B 196 -5.77 9.14 -10.37
C LEU B 196 -7.12 9.44 -9.72
N PRO B 197 -8.03 8.47 -9.73
CA PRO B 197 -9.38 8.77 -9.30
C PRO B 197 -9.57 8.62 -7.82
N ALA B 198 -10.75 8.98 -7.37
CA ALA B 198 -11.12 8.99 -5.96
C ALA B 198 -11.80 7.71 -5.50
N HIS B 199 -12.16 6.85 -6.45
CA HIS B 199 -12.79 5.57 -6.13
C HIS B 199 -12.34 4.50 -7.10
N GLY B 200 -12.53 3.24 -6.71
CA GLY B 200 -12.25 2.09 -7.55
C GLY B 200 -13.29 0.97 -7.52
N ALA B 201 -12.92 -0.17 -8.10
CA ALA B 201 -13.80 -1.32 -8.20
C ALA B 201 -14.71 -1.47 -6.98
N GLY B 202 -16.02 -1.42 -7.21
CA GLY B 202 -17.00 -1.81 -6.19
C GLY B 202 -17.72 -0.65 -5.53
N SER B 203 -17.38 0.57 -5.91
CA SER B 203 -18.01 1.78 -5.35
C SER B 203 -19.41 1.98 -5.93
N ALA B 204 -20.32 2.51 -5.12
CA ALA B 204 -21.67 2.85 -5.61
C ALA B 204 -21.69 4.19 -6.34
N CYS B 205 -20.57 4.92 -6.31
CA CYS B 205 -20.44 6.19 -7.06
C CYS B 205 -20.30 6.02 -8.62
N GLY B 206 -20.33 4.78 -9.13
CA GLY B 206 -20.24 4.51 -10.58
C GLY B 206 -20.72 3.10 -10.94
N LYS B 207 -20.75 2.77 -12.22
CA LYS B 207 -21.38 1.52 -12.65
C LYS B 207 -20.43 0.34 -12.92
N ALA B 208 -19.20 0.59 -13.34
CA ALA B 208 -18.23 -0.49 -13.60
C ALA B 208 -16.76 -0.03 -13.52
N LEU B 209 -16.29 0.27 -12.30
CA LEU B 209 -14.93 0.80 -12.07
C LEU B 209 -13.91 -0.32 -12.10
N GLY B 210 -12.66 0.07 -12.34
CA GLY B 210 -11.57 -0.88 -12.51
C GLY B 210 -10.90 -1.34 -11.23
N ALA B 211 -10.47 -2.61 -11.24
CA ALA B 211 -9.63 -3.18 -10.19
C ALA B 211 -8.13 -2.86 -10.43
N VAL B 212 -7.88 -1.90 -11.32
CA VAL B 212 -6.56 -1.37 -11.60
C VAL B 212 -6.51 0.06 -11.06
N PRO B 213 -5.53 0.35 -10.20
CA PRO B 213 -5.59 1.58 -9.40
C PRO B 213 -5.53 2.88 -10.20
N SER B 214 -4.93 2.87 -11.38
CA SER B 214 -4.81 4.09 -12.20
C SER B 214 -4.75 3.83 -13.70
N SER B 215 -5.07 4.85 -14.49
CA SER B 215 -4.92 4.82 -15.95
C SER B 215 -4.23 6.07 -16.51
N THR B 216 -4.57 6.47 -17.72
CA THR B 216 -3.94 7.61 -18.37
C THR B 216 -4.93 8.18 -19.36
N VAL B 217 -4.85 9.49 -19.58
CA VAL B 217 -5.75 10.19 -20.48
C VAL B 217 -5.80 9.50 -21.82
N GLY B 218 -4.64 9.09 -22.30
CA GLY B 218 -4.55 8.37 -23.57
C GLY B 218 -5.30 7.05 -23.57
N TYR B 219 -5.16 6.26 -22.52
CA TYR B 219 -5.77 4.94 -22.47
C TYR B 219 -7.29 5.06 -22.37
N GLU B 220 -7.73 5.98 -21.52
CA GLU B 220 -9.14 6.15 -21.32
C GLU B 220 -9.82 6.64 -22.58
N LYS B 221 -9.13 7.52 -23.32
CA LYS B 221 -9.67 7.98 -24.59
C LYS B 221 -9.90 6.79 -25.52
N LEU B 222 -9.03 5.79 -25.48
CA LEU B 222 -9.21 4.65 -26.36
C LEU B 222 -10.26 3.68 -25.83
N VAL B 223 -10.29 3.44 -24.51
CA VAL B 223 -11.07 2.30 -23.97
C VAL B 223 -12.30 2.60 -23.11
N ASN B 224 -12.35 3.78 -22.50
CA ASN B 224 -13.43 4.14 -21.57
C ASN B 224 -14.73 4.37 -22.33
N TRP B 225 -15.80 3.69 -21.92
CA TRP B 225 -17.07 3.72 -22.69
C TRP B 225 -17.58 5.16 -22.88
N ALA B 226 -17.40 5.97 -21.85
CA ALA B 226 -17.95 7.32 -21.80
C ALA B 226 -17.32 8.22 -22.84
N LEU B 227 -16.07 7.93 -23.20
CA LEU B 227 -15.33 8.78 -24.12
C LEU B 227 -15.51 8.43 -25.59
N GLN B 228 -16.33 7.43 -25.89
CA GLN B 228 -16.60 7.03 -27.28
C GLN B 228 -17.86 7.68 -27.83
N HIS B 229 -18.63 8.32 -26.94
CA HIS B 229 -19.88 8.98 -27.31
C HIS B 229 -19.64 10.34 -27.96
N LYS B 230 -20.35 10.59 -29.05
CA LYS B 230 -20.31 11.89 -29.70
C LYS B 230 -21.66 12.63 -29.65
N ASP B 231 -22.76 11.90 -29.42
CA ASP B 231 -24.08 12.53 -29.26
C ASP B 231 -24.36 12.68 -27.78
N GLU B 232 -24.61 13.92 -27.36
CA GLU B 232 -24.89 14.24 -25.97
C GLU B 232 -26.20 13.60 -25.52
N ASP B 233 -27.23 13.73 -26.33
CA ASP B 233 -28.51 13.10 -26.05
C ASP B 233 -28.28 11.61 -25.78
N ALA B 234 -27.58 10.92 -26.68
CA ALA B 234 -27.31 9.50 -26.52
C ALA B 234 -26.53 9.20 -25.24
N PHE B 235 -25.58 10.08 -24.91
CA PHE B 235 -24.74 9.88 -23.74
C PHE B 235 -25.55 9.95 -22.46
N VAL B 236 -26.35 11.00 -22.31
CA VAL B 236 -27.25 11.10 -21.17
C VAL B 236 -27.96 9.77 -20.96
N GLN B 237 -28.53 9.25 -22.04
CA GLN B 237 -29.23 7.95 -22.04
C GLN B 237 -28.38 6.85 -21.41
N ALA B 238 -27.17 6.70 -21.91
CA ALA B 238 -26.28 5.63 -21.47
C ALA B 238 -25.92 5.80 -20.02
N LEU B 239 -25.62 7.05 -19.64
CA LEU B 239 -25.11 7.36 -18.32
C LEU B 239 -26.13 7.09 -17.23
N LEU B 240 -27.40 7.40 -17.47
CA LEU B 240 -28.46 7.24 -16.45
C LEU B 240 -28.96 5.80 -16.30
N ALA B 241 -28.88 5.02 -17.37
CA ALA B 241 -29.24 3.61 -17.31
C ALA B 241 -28.22 2.80 -16.49
N GLY B 242 -28.73 1.84 -15.73
CA GLY B 242 -27.91 0.80 -15.09
C GLY B 242 -27.02 1.18 -13.91
N GLN B 243 -27.18 2.39 -13.37
CA GLN B 243 -26.39 2.81 -12.21
C GLN B 243 -26.89 2.06 -10.97
N PRO B 244 -25.99 1.74 -10.01
CA PRO B 244 -26.43 1.03 -8.79
C PRO B 244 -27.43 1.83 -7.93
N GLU B 245 -28.07 1.17 -6.95
CA GLU B 245 -28.98 1.85 -6.00
C GLU B 245 -28.20 2.92 -5.22
N ALA B 246 -28.89 3.97 -4.79
CA ALA B 246 -28.29 5.01 -3.96
C ALA B 246 -28.51 4.67 -2.50
N PRO B 247 -27.42 4.34 -1.78
CA PRO B 247 -27.59 4.06 -0.36
C PRO B 247 -28.21 5.25 0.36
N ILE B 248 -29.16 4.95 1.25
CA ILE B 248 -29.96 5.97 1.91
C ILE B 248 -29.10 6.93 2.75
N TYR B 249 -27.96 6.45 3.25
CA TYR B 249 -27.11 7.29 4.06
C TYR B 249 -26.33 8.32 3.29
N PHE B 250 -26.36 8.25 1.97
CA PHE B 250 -25.67 9.25 1.15
C PHE B 250 -26.19 10.67 1.42
N ALA B 251 -27.48 10.80 1.69
CA ALA B 251 -28.07 12.10 2.02
C ALA B 251 -27.37 12.75 3.22
N ARG B 252 -27.14 11.96 4.26
CA ARG B 252 -26.45 12.40 5.46
C ARG B 252 -25.02 12.88 5.20
N MSE B 253 -24.28 12.15 4.36
CA MSE B 253 -22.89 12.53 3.99
C MSE B 253 -22.77 13.89 3.24
O MSE B 253 -21.89 14.70 3.54
CB MSE B 253 -22.23 11.46 3.12
CG MSE B 253 -22.13 10.07 3.72
SE MSE B 253 -20.92 9.89 5.23
CE MSE B 253 -22.22 9.76 6.68
N LYS B 254 -23.62 14.10 2.25
CA LYS B 254 -23.62 15.36 1.56
C LYS B 254 -23.77 16.50 2.58
N LEU B 255 -24.67 16.34 3.55
CA LEU B 255 -24.90 17.34 4.58
C LEU B 255 -23.68 17.53 5.47
N VAL B 256 -23.26 16.44 6.08
CA VAL B 256 -22.14 16.42 7.00
C VAL B 256 -20.88 17.03 6.38
N ASN B 257 -20.56 16.64 5.15
CA ASN B 257 -19.38 17.14 4.47
C ASN B 257 -19.51 18.59 3.99
N LYS B 258 -20.74 19.02 3.74
CA LYS B 258 -21.02 20.39 3.38
C LYS B 258 -20.85 21.25 4.61
N VAL B 259 -21.54 20.91 5.70
CA VAL B 259 -21.58 21.78 6.90
C VAL B 259 -20.37 21.70 7.82
N GLY B 260 -19.64 20.59 7.76
CA GLY B 260 -18.45 20.39 8.63
C GLY B 260 -18.67 19.27 9.64
N PRO B 261 -17.96 18.13 9.46
CA PRO B 261 -18.17 17.00 10.34
C PRO B 261 -17.72 17.26 11.74
N ARG B 262 -18.33 16.57 12.70
CA ARG B 262 -17.89 16.61 14.07
C ARG B 262 -16.47 16.05 14.16
N LEU B 263 -15.64 16.65 15.02
CA LEU B 263 -14.25 16.23 15.16
C LEU B 263 -14.10 14.99 16.04
N LEU B 264 -13.40 13.97 15.53
CA LEU B 264 -13.22 12.71 16.27
C LEU B 264 -12.85 12.89 17.76
N ALA B 265 -12.12 13.94 18.07
CA ALA B 265 -11.82 14.26 19.47
C ALA B 265 -13.07 14.65 20.29
N GLU B 266 -14.06 15.29 19.63
CA GLU B 266 -15.29 15.71 20.30
C GLU B 266 -16.19 14.54 20.67
N LEU B 267 -16.16 13.47 19.89
CA LEU B 267 -16.95 12.25 20.19
C LEU B 267 -16.24 11.47 21.29
N GLY B 268 -14.93 11.35 21.11
CA GLY B 268 -14.09 10.62 22.03
C GLY B 268 -14.11 9.13 21.80
N ALA B 269 -13.45 8.44 22.73
CA ALA B 269 -13.19 7.01 22.61
C ALA B 269 -14.38 6.23 23.15
N PRO B 270 -14.87 5.27 22.37
CA PRO B 270 -15.74 4.26 22.94
C PRO B 270 -14.98 3.48 23.99
N GLU B 271 -15.53 3.41 25.19
CA GLU B 271 -14.90 2.69 26.29
C GLU B 271 -15.14 1.20 26.18
N ARG B 272 -14.18 0.39 26.63
CA ARG B 272 -14.34 -1.06 26.69
C ARG B 272 -15.03 -1.42 27.99
N VAL B 273 -16.29 -1.84 27.90
CA VAL B 273 -17.06 -2.19 29.07
C VAL B 273 -16.89 -3.69 29.39
N ASP B 274 -16.93 -4.06 30.66
CA ASP B 274 -17.14 -5.45 31.06
C ASP B 274 -18.65 -5.66 31.05
N LEU B 275 -19.10 -6.73 30.41
CA LEU B 275 -20.53 -7.03 30.36
C LEU B 275 -20.84 -8.41 30.95
N PRO B 276 -20.93 -8.49 32.29
CA PRO B 276 -21.44 -9.71 32.91
C PRO B 276 -22.94 -9.88 32.65
N PRO B 277 -23.46 -11.12 32.75
CA PRO B 277 -24.85 -11.45 32.37
C PRO B 277 -25.88 -10.52 33.00
N GLU B 278 -25.51 -10.04 34.17
CA GLU B 278 -26.31 -9.10 34.92
C GLU B 278 -26.61 -7.84 34.12
N ARG B 279 -25.60 -7.30 33.42
CA ARG B 279 -25.74 -5.99 32.78
C ARG B 279 -26.36 -6.02 31.39
N VAL B 280 -26.59 -7.21 30.84
CA VAL B 280 -26.90 -7.38 29.42
C VAL B 280 -28.21 -6.72 28.97
N ARG B 281 -29.28 -6.90 29.74
CA ARG B 281 -30.61 -6.41 29.33
C ARG B 281 -30.64 -4.90 29.22
N ALA B 282 -30.17 -4.22 30.25
CA ALA B 282 -30.07 -2.76 30.25
C ALA B 282 -29.18 -2.27 29.09
N TRP B 283 -28.25 -3.10 28.64
CA TRP B 283 -27.40 -2.82 27.48
C TRP B 283 -28.16 -3.02 26.17
N ARG B 284 -28.96 -4.07 26.12
CA ARG B 284 -29.83 -4.33 24.98
C ARG B 284 -30.90 -3.28 24.85
N GLU B 285 -31.51 -2.95 25.98
CA GLU B 285 -32.52 -1.89 26.01
C GLU B 285 -31.94 -0.49 25.77
N GLY B 286 -30.64 -0.31 26.00
CA GLY B 286 -30.01 1.02 25.94
C GLY B 286 -29.76 1.59 24.56
N GLY B 287 -29.84 0.73 23.53
CA GLY B 287 -29.61 1.14 22.15
C GLY B 287 -29.51 -0.03 21.15
N VAL B 288 -28.91 0.23 19.99
CA VAL B 288 -28.78 -0.79 18.98
C VAL B 288 -27.53 -1.62 19.21
N VAL B 289 -27.70 -2.93 19.27
CA VAL B 289 -26.58 -3.82 19.52
C VAL B 289 -26.03 -4.39 18.21
N LEU B 290 -24.78 -4.09 17.89
CA LEU B 290 -24.15 -4.58 16.67
C LEU B 290 -23.12 -5.63 17.01
N ASP B 291 -23.27 -6.79 16.38
CA ASP B 291 -22.46 -7.97 16.66
C ASP B 291 -21.74 -8.31 15.36
N VAL B 292 -20.42 -8.20 15.35
CA VAL B 292 -19.66 -8.33 14.10
C VAL B 292 -18.96 -9.68 14.02
N ARG B 293 -19.48 -10.66 14.75
CA ARG B 293 -19.00 -12.03 14.63
C ARG B 293 -19.39 -12.65 13.30
N PRO B 294 -18.71 -13.75 12.94
CA PRO B 294 -19.18 -14.53 11.80
C PRO B 294 -20.60 -15.02 12.04
N ALA B 295 -21.41 -15.02 10.99
CA ALA B 295 -22.80 -15.41 11.09
C ALA B 295 -22.98 -16.79 11.70
N ASP B 296 -22.08 -17.70 11.34
CA ASP B 296 -22.10 -19.07 11.86
C ASP B 296 -22.25 -19.04 13.36
N ALA B 297 -21.35 -18.31 14.01
CA ALA B 297 -21.35 -18.19 15.45
C ALA B 297 -22.51 -17.32 15.94
N PHE B 298 -22.78 -16.22 15.27
CA PHE B 298 -23.91 -15.38 15.63
C PHE B 298 -25.21 -16.14 15.65
N ALA B 299 -25.40 -17.06 14.70
CA ALA B 299 -26.66 -17.79 14.58
C ALA B 299 -26.94 -18.72 15.76
N LYS B 300 -25.90 -19.27 16.39
CA LYS B 300 -26.08 -20.22 17.49
C LYS B 300 -26.51 -19.50 18.76
N ARG B 301 -25.93 -18.34 19.01
CA ARG B 301 -26.23 -17.59 20.22
C ARG B 301 -25.86 -16.13 20.04
N HIS B 302 -26.86 -15.26 20.11
CA HIS B 302 -26.66 -13.81 20.04
C HIS B 302 -27.62 -13.14 20.98
N LEU B 303 -27.38 -11.87 21.28
CA LEU B 303 -28.29 -11.12 22.14
C LEU B 303 -29.53 -10.82 21.35
N ALA B 304 -30.70 -11.10 21.95
CA ALA B 304 -31.96 -10.89 21.26
C ALA B 304 -32.04 -9.44 20.79
N GLY B 305 -32.46 -9.27 19.54
CA GLY B 305 -32.63 -7.96 18.93
C GLY B 305 -31.36 -7.34 18.39
N SER B 306 -30.25 -8.07 18.44
CA SER B 306 -29.00 -7.53 17.96
C SER B 306 -28.89 -7.80 16.48
N LEU B 307 -27.98 -7.10 15.84
CA LEU B 307 -27.86 -7.06 14.41
C LEU B 307 -26.48 -7.62 14.06
N ASN B 308 -26.42 -8.46 13.03
CA ASN B 308 -25.17 -9.10 12.66
C ASN B 308 -24.71 -8.57 11.31
N ILE B 309 -23.65 -7.77 11.35
CA ILE B 309 -22.94 -7.39 10.16
C ILE B 309 -21.53 -7.89 10.38
N PRO B 310 -21.25 -9.12 9.94
CA PRO B 310 -19.94 -9.76 10.09
C PRO B 310 -18.77 -8.91 9.61
N TRP B 311 -17.68 -8.94 10.37
CA TRP B 311 -16.47 -8.18 10.02
C TRP B 311 -15.79 -8.76 8.81
N ASN B 312 -15.86 -8.01 7.70
CA ASN B 312 -15.14 -8.33 6.45
C ASN B 312 -15.17 -7.13 5.48
N LYS B 313 -14.77 -7.34 4.23
CA LYS B 313 -14.78 -6.30 3.20
C LYS B 313 -16.15 -5.58 3.05
N SER B 314 -17.24 -6.29 3.33
CA SER B 314 -18.60 -5.78 3.10
C SER B 314 -19.18 -5.04 4.29
N PHE B 315 -18.48 -5.04 5.41
CA PHE B 315 -19.02 -4.46 6.62
C PHE B 315 -19.61 -3.07 6.37
N VAL B 316 -18.76 -2.19 5.85
CA VAL B 316 -19.12 -0.78 5.83
C VAL B 316 -20.23 -0.51 4.82
N THR B 317 -20.31 -1.32 3.78
CA THR B 317 -21.44 -1.26 2.88
C THR B 317 -22.74 -1.46 3.65
N TRP B 318 -22.83 -2.55 4.41
CA TRP B 318 -24.07 -2.90 5.08
C TRP B 318 -24.29 -2.09 6.33
N ALA B 319 -23.22 -1.73 7.03
CA ALA B 319 -23.39 -0.75 8.10
C ALA B 319 -24.13 0.44 7.54
N GLY B 320 -23.70 0.90 6.38
CA GLY B 320 -24.26 2.08 5.76
C GLY B 320 -25.72 1.92 5.41
N TRP B 321 -26.08 0.76 4.86
CA TRP B 321 -27.46 0.51 4.48
C TRP B 321 -28.38 0.29 5.68
N LEU B 322 -27.87 -0.25 6.77
CA LEU B 322 -28.74 -0.80 7.81
C LEU B 322 -28.69 -0.10 9.20
N LEU B 323 -27.59 0.57 9.53
CA LEU B 323 -27.50 1.21 10.84
C LEU B 323 -27.90 2.68 10.78
N PRO B 324 -28.60 3.17 11.82
CA PRO B 324 -29.00 4.57 11.94
C PRO B 324 -27.94 5.44 12.55
N ALA B 325 -27.98 6.73 12.24
CA ALA B 325 -27.03 7.69 12.81
C ALA B 325 -27.58 8.29 14.08
N ASP B 326 -28.91 8.32 14.19
CA ASP B 326 -29.62 8.99 15.27
C ASP B 326 -29.87 8.11 16.51
N ARG B 327 -29.10 7.03 16.68
CA ARG B 327 -29.24 6.12 17.83
C ARG B 327 -27.88 5.63 18.33
N PRO B 328 -27.73 5.51 19.66
CA PRO B 328 -26.50 4.97 20.20
C PRO B 328 -26.30 3.50 19.85
N ILE B 329 -25.05 3.14 19.57
CA ILE B 329 -24.71 1.80 19.16
C ILE B 329 -23.91 1.13 20.27
N HIS B 330 -24.26 -0.12 20.56
CA HIS B 330 -23.46 -0.94 21.45
C HIS B 330 -22.81 -2.02 20.58
N LEU B 331 -21.50 -2.18 20.72
CA LEU B 331 -20.79 -3.06 19.82
C LEU B 331 -20.28 -4.31 20.52
N LEU B 332 -20.56 -5.46 19.95
CA LEU B 332 -19.86 -6.68 20.34
C LEU B 332 -18.78 -6.95 19.29
N ALA B 333 -17.53 -7.01 19.72
CA ALA B 333 -16.40 -7.19 18.81
C ALA B 333 -15.15 -7.65 19.56
N ALA B 334 -14.36 -8.53 18.94
CA ALA B 334 -13.15 -9.08 19.56
C ALA B 334 -12.15 -7.95 19.77
N ASP B 335 -11.42 -8.03 20.88
CA ASP B 335 -10.54 -6.93 21.28
C ASP B 335 -9.57 -6.57 20.15
N ALA B 336 -9.06 -7.59 19.45
CA ALA B 336 -8.11 -7.40 18.35
C ALA B 336 -8.64 -6.50 17.20
N ILE B 337 -9.96 -6.44 17.00
CA ILE B 337 -10.53 -5.71 15.86
C ILE B 337 -11.49 -4.56 16.20
N ALA B 338 -11.84 -4.39 17.47
CA ALA B 338 -12.81 -3.35 17.82
C ALA B 338 -12.40 -1.98 17.27
N PRO B 339 -11.13 -1.59 17.47
CA PRO B 339 -10.71 -0.27 17.00
C PRO B 339 -10.91 -0.05 15.51
N ASP B 340 -10.65 -1.07 14.70
CA ASP B 340 -10.87 -1.01 13.27
C ASP B 340 -12.36 -0.84 12.92
N VAL B 341 -13.20 -1.64 13.58
CA VAL B 341 -14.64 -1.59 13.37
C VAL B 341 -15.19 -0.18 13.69
N ILE B 342 -14.73 0.35 14.82
CA ILE B 342 -15.16 1.67 15.25
C ILE B 342 -14.76 2.68 14.19
N ARG B 343 -13.54 2.57 13.71
CA ARG B 343 -13.03 3.45 12.66
C ARG B 343 -13.92 3.42 11.43
N ALA B 344 -14.32 2.22 11.06
CA ALA B 344 -15.14 2.00 9.87
C ALA B 344 -16.48 2.64 10.07
N LEU B 345 -17.09 2.46 11.25
CA LEU B 345 -18.36 3.12 11.56
C LEU B 345 -18.21 4.62 11.46
N ARG B 346 -17.16 5.14 12.08
CA ARG B 346 -16.90 6.57 12.06
C ARG B 346 -16.67 7.07 10.63
N SER B 347 -16.17 6.19 9.77
CA SER B 347 -15.84 6.59 8.41
C SER B 347 -17.08 6.91 7.58
N ILE B 348 -18.22 6.35 7.96
CA ILE B 348 -19.47 6.60 7.27
C ILE B 348 -20.47 7.30 8.20
N GLY B 349 -19.96 7.94 9.24
CA GLY B 349 -20.75 8.85 10.04
C GLY B 349 -21.62 8.28 11.13
N ILE B 350 -21.43 7.01 11.48
CA ILE B 350 -22.10 6.44 12.66
C ILE B 350 -21.22 6.79 13.84
N ASP B 351 -21.50 7.90 14.48
CA ASP B 351 -20.56 8.43 15.46
C ASP B 351 -20.83 7.92 16.87
N ASP B 352 -22.11 7.72 17.19
CA ASP B 352 -22.53 7.49 18.56
C ASP B 352 -22.41 6.01 18.91
N VAL B 353 -21.18 5.57 19.09
CA VAL B 353 -20.93 4.24 19.61
C VAL B 353 -20.51 4.45 21.04
N VAL B 354 -21.36 4.03 21.98
CA VAL B 354 -21.17 4.35 23.39
C VAL B 354 -20.11 3.47 24.06
N ASP B 355 -20.15 2.17 23.79
CA ASP B 355 -19.15 1.26 24.37
C ASP B 355 -19.08 -0.07 23.62
N TRP B 356 -18.11 -0.89 23.97
CA TRP B 356 -17.96 -2.19 23.32
C TRP B 356 -17.41 -3.26 24.28
N THR B 357 -17.55 -4.52 23.90
CA THR B 357 -17.01 -5.64 24.67
C THR B 357 -16.89 -6.90 23.82
N ASP B 358 -15.95 -7.78 24.16
CA ASP B 358 -15.73 -9.03 23.45
C ASP B 358 -17.05 -9.79 23.43
N PRO B 359 -17.33 -10.48 22.31
CA PRO B 359 -18.59 -11.21 22.21
C PRO B 359 -18.68 -12.52 23.03
N ALA B 360 -17.66 -12.83 23.83
CA ALA B 360 -17.77 -13.91 24.80
C ALA B 360 -18.84 -13.60 25.85
N ALA B 361 -19.23 -12.32 25.94
CA ALA B 361 -20.31 -11.87 26.81
C ALA B 361 -21.66 -12.51 26.49
N VAL B 362 -21.83 -13.06 25.30
CA VAL B 362 -23.08 -13.77 24.98
C VAL B 362 -23.14 -15.16 25.62
N ASP B 363 -21.98 -15.73 25.91
CA ASP B 363 -21.92 -17.11 26.41
C ASP B 363 -22.75 -17.28 27.68
N ARG B 364 -22.42 -16.54 28.71
CA ARG B 364 -23.06 -16.72 30.01
C ARG B 364 -24.30 -15.85 30.19
N ALA B 365 -24.82 -15.29 29.09
CA ALA B 365 -25.99 -14.40 29.14
C ALA B 365 -27.29 -15.14 29.45
N ALA B 366 -28.32 -14.38 29.82
CA ALA B 366 -29.58 -14.93 30.32
C ALA B 366 -30.46 -15.46 29.19
N PRO B 367 -31.28 -16.51 29.45
CA PRO B 367 -32.23 -17.06 28.48
C PRO B 367 -33.15 -16.03 27.82
N ASP B 368 -33.68 -15.10 28.59
CA ASP B 368 -34.54 -14.03 28.02
C ASP B 368 -33.75 -12.86 27.42
N ASP B 369 -32.42 -12.94 27.45
CA ASP B 369 -31.57 -11.96 26.75
C ASP B 369 -31.05 -12.49 25.42
N VAL B 370 -31.16 -13.78 25.17
CA VAL B 370 -30.53 -14.37 24.01
C VAL B 370 -31.52 -14.95 23.00
N ALA B 371 -30.99 -15.28 21.82
CA ALA B 371 -31.79 -15.77 20.70
C ALA B 371 -30.92 -16.56 19.69
N SER B 372 -31.58 -17.17 18.72
CA SER B 372 -30.89 -17.93 17.69
C SER B 372 -31.73 -18.02 16.44
N TYR B 373 -31.06 -18.35 15.33
CA TYR B 373 -31.76 -18.78 14.12
C TYR B 373 -31.06 -20.01 13.56
N ALA B 374 -31.74 -20.67 12.63
CA ALA B 374 -31.31 -21.99 12.20
C ALA B 374 -30.55 -21.83 10.90
N ASN B 375 -29.38 -22.44 10.82
CA ASN B 375 -28.74 -22.57 9.56
C ASN B 375 -29.15 -23.93 9.02
N VAL B 376 -29.76 -23.91 7.85
CA VAL B 376 -30.38 -25.10 7.27
C VAL B 376 -29.76 -25.39 5.92
N SER B 377 -29.90 -26.61 5.46
CA SER B 377 -29.37 -26.96 4.17
C SER B 377 -30.48 -26.96 3.13
N PRO B 378 -30.12 -26.88 1.84
CA PRO B 378 -31.13 -26.96 0.76
C PRO B 378 -31.95 -28.26 0.79
N ASP B 379 -31.31 -29.40 1.08
CA ASP B 379 -32.04 -30.66 1.28
C ASP B 379 -33.19 -30.51 2.29
N GLU B 380 -32.94 -29.87 3.41
CA GLU B 380 -33.99 -29.58 4.37
C GLU B 380 -35.07 -28.67 3.78
N VAL B 381 -34.66 -27.60 3.12
CA VAL B 381 -35.60 -26.67 2.49
C VAL B 381 -36.47 -27.34 1.41
N ARG B 382 -35.89 -28.30 0.70
CA ARG B 382 -36.58 -29.02 -0.35
C ARG B 382 -37.67 -29.93 0.19
N GLY B 383 -37.49 -30.47 1.40
CA GLY B 383 -38.52 -31.32 2.02
C GLY B 383 -39.74 -30.53 2.45
N ALA B 384 -39.48 -29.37 3.05
CA ALA B 384 -40.49 -28.40 3.47
C ALA B 384 -41.20 -27.77 2.27
N LEU B 385 -40.61 -27.92 1.11
CA LEU B 385 -41.19 -27.41 -0.12
C LEU B 385 -42.47 -28.14 -0.49
N ALA B 386 -42.41 -29.47 -0.50
CA ALA B 386 -43.52 -30.29 -1.00
C ALA B 386 -44.87 -29.93 -0.36
N GLN B 387 -44.89 -29.77 0.97
CA GLN B 387 -46.12 -29.35 1.69
C GLN B 387 -46.15 -27.84 1.97
N GLN B 388 -45.19 -27.11 1.40
CA GLN B 388 -45.18 -25.65 1.43
C GLN B 388 -45.04 -25.11 2.87
N GLY B 389 -44.27 -25.81 3.69
CA GLY B 389 -44.04 -25.42 5.08
C GLY B 389 -43.40 -24.05 5.29
N LEU B 390 -42.64 -23.58 4.30
CA LEU B 390 -41.82 -22.35 4.46
C LEU B 390 -42.37 -21.13 3.75
N TRP B 391 -42.01 -19.94 4.25
CA TRP B 391 -42.26 -18.68 3.55
C TRP B 391 -40.89 -18.21 3.11
N LEU B 392 -40.61 -18.37 1.81
CA LEU B 392 -39.26 -18.20 1.31
C LEU B 392 -38.96 -16.74 0.99
N LEU B 393 -37.80 -16.27 1.45
CA LEU B 393 -37.37 -14.90 1.17
C LEU B 393 -36.02 -14.89 0.50
N ASP B 394 -36.01 -14.36 -0.72
CA ASP B 394 -34.86 -14.16 -1.58
C ASP B 394 -34.47 -12.70 -1.38
N VAL B 395 -33.29 -12.45 -0.82
CA VAL B 395 -32.82 -11.10 -0.53
C VAL B 395 -31.76 -10.59 -1.53
N ARG B 396 -31.64 -11.27 -2.67
CA ARG B 396 -30.71 -10.89 -3.73
C ARG B 396 -31.21 -9.68 -4.51
N ASN B 397 -30.39 -9.23 -5.46
CA ASN B 397 -30.69 -8.07 -6.26
C ASN B 397 -31.75 -8.39 -7.31
N VAL B 398 -32.43 -7.33 -7.73
CA VAL B 398 -33.51 -7.44 -8.69
C VAL B 398 -33.07 -8.28 -9.88
N ASP B 399 -31.84 -8.05 -10.33
CA ASP B 399 -31.32 -8.71 -11.54
C ASP B 399 -31.03 -10.19 -11.37
N GLU B 400 -30.63 -10.60 -10.17
CA GLU B 400 -30.35 -12.01 -9.94
C GLU B 400 -31.65 -12.82 -9.88
N TRP B 401 -32.68 -12.20 -9.30
CA TRP B 401 -34.02 -12.76 -9.16
C TRP B 401 -34.64 -13.06 -10.53
N ALA B 402 -34.41 -12.19 -11.50
CA ALA B 402 -35.00 -12.35 -12.82
C ALA B 402 -34.48 -13.61 -13.51
N GLY B 403 -33.20 -13.93 -13.31
CA GLY B 403 -32.60 -15.15 -13.88
C GLY B 403 -33.08 -16.46 -13.24
N GLY B 404 -33.79 -16.38 -12.11
CA GLY B 404 -34.36 -17.57 -11.50
C GLY B 404 -34.21 -17.59 -9.98
N HIS B 405 -35.23 -18.11 -9.32
CA HIS B 405 -35.29 -18.12 -7.88
C HIS B 405 -35.91 -19.44 -7.42
N LEU B 406 -36.02 -19.62 -6.11
CA LEU B 406 -36.68 -20.80 -5.56
C LEU B 406 -38.19 -20.72 -5.70
N PRO B 407 -38.86 -21.88 -5.80
CA PRO B 407 -40.29 -21.83 -6.06
C PRO B 407 -41.05 -21.11 -4.97
N GLN B 408 -42.01 -20.28 -5.37
CA GLN B 408 -42.85 -19.54 -4.42
C GLN B 408 -42.03 -18.62 -3.49
N ALA B 409 -40.83 -18.23 -3.94
CA ALA B 409 -39.97 -17.38 -3.13
C ALA B 409 -40.49 -15.95 -3.22
N HIS B 410 -40.37 -15.20 -2.15
CA HIS B 410 -40.71 -13.77 -2.16
C HIS B 410 -39.42 -13.02 -2.35
N HIS B 411 -39.49 -11.89 -3.05
CA HIS B 411 -38.29 -11.11 -3.30
C HIS B 411 -38.31 -9.77 -2.56
N ILE B 412 -37.40 -9.65 -1.60
CA ILE B 412 -37.04 -8.34 -1.03
C ILE B 412 -35.52 -8.27 -0.96
N PRO B 413 -34.89 -7.38 -1.75
CA PRO B 413 -33.44 -7.26 -1.63
C PRO B 413 -33.05 -6.66 -0.29
N LEU B 414 -31.89 -7.06 0.24
CA LEU B 414 -31.48 -6.73 1.60
C LEU B 414 -31.43 -5.23 1.84
N SER B 415 -31.04 -4.48 0.82
CA SER B 415 -31.00 -3.02 0.90
C SER B 415 -32.37 -2.41 1.20
N LYS B 416 -33.44 -3.15 0.91
CA LYS B 416 -34.81 -2.65 1.06
C LYS B 416 -35.60 -3.33 2.19
N LEU B 417 -35.03 -4.40 2.75
CA LEU B 417 -35.72 -5.20 3.73
C LEU B 417 -36.28 -4.39 4.91
N ALA B 418 -35.50 -3.48 5.48
CA ALA B 418 -35.97 -2.68 6.61
C ALA B 418 -37.29 -1.94 6.34
N ALA B 419 -37.53 -1.54 5.09
CA ALA B 419 -38.75 -0.80 4.76
C ALA B 419 -39.96 -1.74 4.67
N HIS B 420 -39.81 -2.83 3.93
CA HIS B 420 -40.89 -3.79 3.69
C HIS B 420 -40.91 -4.93 4.70
N ILE B 421 -40.33 -4.75 5.88
CA ILE B 421 -40.25 -5.85 6.84
C ILE B 421 -41.64 -6.22 7.38
N HIS B 422 -42.53 -5.23 7.45
CA HIS B 422 -43.91 -5.47 7.87
C HIS B 422 -44.60 -6.50 6.94
N ASP B 423 -44.20 -6.55 5.67
CA ASP B 423 -44.71 -7.54 4.72
C ASP B 423 -44.40 -8.98 5.08
N VAL B 424 -43.34 -9.20 5.87
CA VAL B 424 -42.99 -10.55 6.31
C VAL B 424 -43.87 -10.97 7.48
N PRO B 425 -44.40 -12.21 7.45
CA PRO B 425 -45.30 -12.67 8.51
C PRO B 425 -44.53 -13.19 9.73
N ARG B 426 -44.84 -12.61 10.89
CA ARG B 426 -44.17 -12.91 12.15
C ARG B 426 -44.37 -14.36 12.62
N ASP B 427 -45.52 -14.95 12.30
CA ASP B 427 -45.84 -16.28 12.81
C ASP B 427 -45.50 -17.40 11.83
N GLY B 428 -45.13 -17.04 10.61
CA GLY B 428 -44.77 -18.03 9.60
C GLY B 428 -43.37 -18.53 9.85
N SER B 429 -43.01 -19.62 9.19
CA SER B 429 -41.64 -20.13 9.20
C SER B 429 -40.92 -19.47 8.04
N VAL B 430 -40.10 -18.47 8.34
CA VAL B 430 -39.38 -17.74 7.29
C VAL B 430 -38.02 -18.38 7.01
N CYS B 431 -37.77 -18.63 5.73
CA CYS B 431 -36.50 -19.22 5.28
C CYS B 431 -35.89 -18.27 4.29
N VAL B 432 -34.68 -17.79 4.57
CA VAL B 432 -34.12 -16.70 3.76
C VAL B 432 -32.87 -17.16 3.04
N TYR B 433 -32.70 -16.73 1.79
CA TYR B 433 -31.51 -17.09 1.01
C TYR B 433 -31.00 -15.94 0.12
N CYS B 434 -29.74 -16.04 -0.27
CA CYS B 434 -29.12 -15.17 -1.29
C CYS B 434 -28.29 -16.06 -2.23
N ARG B 435 -27.32 -15.49 -2.93
CA ARG B 435 -26.53 -16.22 -3.93
C ARG B 435 -25.69 -17.32 -3.28
N THR B 436 -24.97 -16.95 -2.22
CA THR B 436 -24.01 -17.83 -1.55
C THR B 436 -24.11 -17.91 -0.04
N GLY B 437 -24.77 -16.95 0.61
CA GLY B 437 -25.02 -17.03 2.07
C GLY B 437 -24.65 -15.83 2.95
N GLY B 438 -23.92 -14.86 2.39
CA GLY B 438 -23.58 -13.61 3.07
C GLY B 438 -24.75 -12.71 3.42
N ARG B 439 -25.45 -12.18 2.41
CA ARG B 439 -26.57 -11.22 2.64
C ARG B 439 -27.69 -11.86 3.50
N SER B 440 -27.91 -13.16 3.30
CA SER B 440 -29.01 -13.86 3.94
C SER B 440 -28.78 -13.89 5.44
N ALA B 441 -27.57 -14.29 5.81
CA ALA B 441 -27.15 -14.30 7.19
C ALA B 441 -27.50 -12.97 7.87
N ILE B 442 -27.13 -11.84 7.25
CA ILE B 442 -27.46 -10.54 7.82
C ILE B 442 -28.97 -10.37 7.87
N ALA B 443 -29.63 -10.67 6.78
CA ALA B 443 -31.09 -10.56 6.74
C ALA B 443 -31.68 -11.33 7.90
N ALA B 444 -31.13 -12.51 8.18
CA ALA B 444 -31.70 -13.36 9.23
C ALA B 444 -31.73 -12.63 10.57
N SER B 445 -30.71 -11.82 10.85
CA SER B 445 -30.62 -11.13 12.14
C SER B 445 -31.64 -10.01 12.21
N LEU B 446 -31.92 -9.39 11.06
CA LEU B 446 -32.97 -8.39 10.98
C LEU B 446 -34.33 -9.02 11.24
N LEU B 447 -34.59 -10.14 10.59
CA LEU B 447 -35.88 -10.80 10.72
C LEU B 447 -36.18 -11.11 12.18
N ARG B 448 -35.21 -11.69 12.88
CA ARG B 448 -35.40 -12.05 14.30
C ARG B 448 -35.70 -10.81 15.11
N ALA B 449 -34.97 -9.74 14.83
CA ALA B 449 -35.10 -8.50 15.59
C ALA B 449 -36.44 -7.81 15.33
N HIS B 450 -37.05 -8.02 14.15
CA HIS B 450 -38.42 -7.54 13.89
C HIS B 450 -39.41 -8.31 14.76
N GLY B 451 -39.13 -9.60 14.96
CA GLY B 451 -39.97 -10.45 15.81
C GLY B 451 -40.40 -11.74 15.15
N VAL B 452 -39.86 -12.04 13.99
CA VAL B 452 -40.15 -13.29 13.29
C VAL B 452 -39.49 -14.41 14.07
N GLY B 453 -40.28 -15.17 14.82
CA GLY B 453 -39.73 -16.18 15.74
C GLY B 453 -38.93 -17.26 15.05
N ASP B 454 -39.57 -17.97 14.13
CA ASP B 454 -38.92 -19.05 13.40
C ASP B 454 -38.27 -18.49 12.13
N VAL B 455 -36.95 -18.40 12.14
CA VAL B 455 -36.19 -17.97 10.96
C VAL B 455 -35.12 -18.98 10.62
N ARG B 456 -35.02 -19.32 9.34
CA ARG B 456 -33.93 -20.18 8.88
C ARG B 456 -33.13 -19.46 7.82
N ASN B 457 -31.85 -19.80 7.73
CA ASN B 457 -30.94 -19.31 6.70
C ASN B 457 -30.50 -20.49 5.87
N MSE B 458 -30.54 -20.38 4.56
CA MSE B 458 -30.14 -21.50 3.71
C MSE B 458 -28.65 -21.45 3.40
O MSE B 458 -28.19 -20.69 2.59
CB MSE B 458 -30.96 -21.59 2.42
CG MSE B 458 -30.82 -22.94 1.71
SE MSE B 458 -31.88 -23.20 0.07
CE MSE B 458 -31.08 -21.76 -0.99
N VAL B 459 -27.91 -22.31 4.09
CA VAL B 459 -26.48 -22.41 3.90
C VAL B 459 -26.16 -22.69 2.44
N GLY B 460 -25.24 -21.91 1.90
CA GLY B 460 -24.75 -22.13 0.54
C GLY B 460 -25.58 -21.41 -0.49
N GLY B 461 -26.85 -21.15 -0.18
CA GLY B 461 -27.67 -20.27 -0.99
C GLY B 461 -28.08 -20.84 -2.33
N TYR B 462 -28.53 -19.95 -3.20
CA TYR B 462 -29.13 -20.33 -4.47
C TYR B 462 -28.18 -21.22 -5.28
N GLU B 463 -26.89 -20.95 -5.18
CA GLU B 463 -25.88 -21.74 -5.90
C GLU B 463 -25.78 -23.17 -5.39
N ALA B 464 -25.85 -23.35 -4.08
CA ALA B 464 -25.86 -24.68 -3.49
C ALA B 464 -27.09 -25.46 -3.94
N TRP B 465 -28.22 -24.75 -4.05
CA TRP B 465 -29.50 -25.34 -4.44
C TRP B 465 -29.48 -25.76 -5.91
N ARG B 466 -29.09 -24.83 -6.78
CA ARG B 466 -28.93 -25.10 -8.22
C ARG B 466 -27.94 -26.24 -8.37
N GLY B 467 -26.82 -26.12 -7.67
CA GLY B 467 -25.81 -27.15 -7.59
C GLY B 467 -26.30 -28.56 -7.31
N LYS B 468 -27.30 -28.68 -6.44
CA LYS B 468 -27.85 -30.00 -6.09
C LYS B 468 -28.89 -30.51 -7.12
N GLY B 469 -29.11 -29.73 -8.18
CA GLY B 469 -30.02 -30.13 -9.24
C GLY B 469 -31.47 -29.87 -8.87
N PHE B 470 -31.69 -29.02 -7.87
CA PHE B 470 -33.02 -28.76 -7.37
C PHE B 470 -33.72 -27.76 -8.27
N PRO B 471 -35.05 -27.74 -8.23
CA PRO B 471 -35.75 -26.99 -9.26
C PRO B 471 -35.88 -25.50 -8.98
N VAL B 472 -35.94 -24.73 -10.06
CA VAL B 472 -35.96 -23.29 -10.05
C VAL B 472 -37.10 -22.81 -10.97
N GLU B 473 -37.66 -21.62 -10.69
CA GLU B 473 -38.76 -21.04 -11.45
C GLU B 473 -38.36 -19.68 -11.98
ZN ZN C . 18.45 -4.74 -10.61
ZN ZN D . -18.39 10.82 -4.89
#